data_6SA1
#
_entry.id   6SA1
#
_cell.length_a   198.250
_cell.length_b   198.250
_cell.length_c   85.300
_cell.angle_alpha   90.000
_cell.angle_beta   90.000
_cell.angle_gamma   90.000
#
_symmetry.space_group_name_H-M   'P 4 21 2'
#
loop_
_entity.id
_entity.type
_entity.pdbx_description
1 polymer 'DNA polymerase LigD, polymerase domain'
2 polymer "DNA (5'-D(P*GP*CP*GP*AP*GP*CP*G)-3')"
3 polymer "DNA (5'-D(*CP*GP*CP*TP*CP*GP*CP*AP*AP*CP*GP*CP*A)-3')"
4 polymer "DNA (5'-D(P*TP*GP*CP*GP*(DUI))-3')"
5 non-polymer 'MANGANESE (II) ION'
6 non-polymer "3'-DEOXY-URIDINE 5'-TRIPHOSPHATE"
7 non-polymer 'SULFATE ION'
8 non-polymer 'MAGNESIUM ION'
9 non-polymer 1,2-ETHANEDIOL
10 non-polymer PYROPHOSPHATE
11 water water
#
loop_
_entity_poly.entity_id
_entity_poly.type
_entity_poly.pdbx_seq_one_letter_code
_entity_poly.pdbx_strand_id
1 'polypeptide(L)'
;MMASAATELDVDGVKVRFTNPDKVYFPKLGKNGTKGKLVEYYLSVASGPMLALLRDRPVHLQRFPDGIEGEEIYQKRVPQ
KHPDYLETCVVTFPSGRTADALKITHPSSIIWAAQMGTVTLHPWQVRCPDTEHPDELRVDLDPQPGTGFKEARTVACDVL
KPLLDELGLVGYPKTSGGRGVHVFLRIKPQWDFIEVRRAGIALAREVERRAPDAVTTSWWKEERGERLFIDYNQNARDRT
FASAYSVRKTPIATVSMPLSWDELRNADPDDYTMNTVPDLLAGRDDPWADIDSVQQSLGPLLDLVAADEERGLGDLPYPP
NYPKMPGEPPRVQPSKKVAEHWDEQGNRKQ
;
A,D
2 'polydeoxyribonucleotide' (DG)(DC)(DG)(DA)(DG)(DC)(DG) B,E
3 'polydeoxyribonucleotide' (DC)(DG)(DC)(DT)(DC)(DG)(DC)(DA)(DA)(DC)(DG)(DC)(DA)(DC)(DG) C,F
4 'polydeoxyribonucleotide' (DC)(DG)(DT)(DG)(DC)(DG)(L2B) H,G
#
loop_
_chem_comp.id
_chem_comp.type
_chem_comp.name
_chem_comp.formula
DA DNA linking 2'-DEOXYADENOSINE-5'-MONOPHOSPHATE 'C10 H14 N5 O6 P'
DC DNA linking 2'-DEOXYCYTIDINE-5'-MONOPHOSPHATE 'C9 H14 N3 O7 P'
DG DNA linking 2'-DEOXYGUANOSINE-5'-MONOPHOSPHATE 'C10 H14 N5 O7 P'
DT DNA linking THYMIDINE-5'-MONOPHOSPHATE 'C10 H15 N2 O8 P'
EDO non-polymer 1,2-ETHANEDIOL 'C2 H6 O2'
L2B non-polymer 3'-DEOXYURIDINE-5'-MONOPHOSPHATE 'C9 H13 N2 O8 P'
MG non-polymer 'MAGNESIUM ION' 'Mg 2'
MN non-polymer 'MANGANESE (II) ION' 'Mn 2'
PPV non-polymer PYROPHOSPHATE 'H4 O7 P2'
SO4 non-polymer 'SULFATE ION' 'O4 S -2'
U3H non-polymer '3'-DEOXY-URIDINE 5'-TRIPHOSPHATE' 'C9 H17 N2 O14 P3'
#
# COMPACT_ATOMS: atom_id res chain seq x y z
N SER A 4 -11.41 21.71 -4.58
CA SER A 4 -10.07 22.28 -4.62
C SER A 4 -9.47 22.16 -6.01
N ALA A 5 -8.24 22.64 -6.18
CA ALA A 5 -7.58 22.48 -7.45
C ALA A 5 -7.05 21.06 -7.59
N ALA A 6 -6.83 20.66 -8.84
CA ALA A 6 -6.28 19.33 -9.15
C ALA A 6 -4.91 19.15 -8.51
N THR A 7 -4.57 17.91 -8.19
CA THR A 7 -3.23 17.60 -7.70
C THR A 7 -2.55 16.68 -8.70
N GLU A 8 -1.27 16.39 -8.41
CA GLU A 8 -0.44 15.57 -9.28
C GLU A 8 0.11 14.38 -8.49
N LEU A 9 -0.10 13.16 -9.00
CA LEU A 9 0.46 11.96 -8.40
C LEU A 9 1.70 11.57 -9.18
N ASP A 10 2.79 11.27 -8.48
CA ASP A 10 3.97 10.73 -9.13
C ASP A 10 3.84 9.21 -9.07
N VAL A 11 3.54 8.61 -10.23
CA VAL A 11 3.27 7.18 -10.33
C VAL A 11 4.48 6.57 -11.02
N ASP A 12 5.40 6.04 -10.21
CA ASP A 12 6.60 5.39 -10.74
C ASP A 12 7.24 6.23 -11.83
N GLY A 13 7.45 7.50 -11.52
CA GLY A 13 8.16 8.41 -12.40
C GLY A 13 7.29 9.21 -13.36
N VAL A 14 6.00 8.90 -13.48
CA VAL A 14 5.11 9.55 -14.45
C VAL A 14 4.09 10.39 -13.68
N LYS A 15 3.87 11.63 -14.12
CA LYS A 15 2.98 12.55 -13.41
C LYS A 15 1.55 12.42 -13.92
N VAL A 16 0.60 12.18 -13.01
CA VAL A 16 -0.79 11.93 -13.36
C VAL A 16 -1.68 12.93 -12.64
N ARG A 17 -2.45 13.69 -13.42
CA ARG A 17 -3.41 14.62 -12.85
C ARG A 17 -4.53 13.87 -12.12
N PHE A 18 -4.93 14.39 -10.96
CA PHE A 18 -5.89 13.72 -10.09
C PHE A 18 -6.85 14.76 -9.54
N THR A 19 -8.15 14.52 -9.68
CA THR A 19 -9.19 15.46 -9.27
C THR A 19 -10.26 14.71 -8.49
N ASN A 20 -10.99 15.47 -7.66
CA ASN A 20 -12.22 15.01 -7.06
C ASN A 20 -12.00 13.79 -6.17
N PRO A 21 -11.04 13.84 -5.25
CA PRO A 21 -10.80 12.65 -4.42
C PRO A 21 -11.99 12.27 -3.55
N ASP A 22 -12.84 13.22 -3.19
CA ASP A 22 -13.93 12.96 -2.25
C ASP A 22 -15.26 12.69 -2.94
N LYS A 23 -15.29 12.67 -4.26
CA LYS A 23 -16.52 12.32 -4.96
C LYS A 23 -16.90 10.88 -4.66
N VAL A 24 -18.16 10.65 -4.29
CA VAL A 24 -18.61 9.32 -3.93
C VAL A 24 -18.88 8.53 -5.21
N TYR A 25 -18.24 7.37 -5.32
CA TYR A 25 -18.53 6.43 -6.41
C TYR A 25 -19.44 5.30 -5.97
N PHE A 26 -19.30 4.82 -4.73
CA PHE A 26 -20.09 3.71 -4.21
C PHE A 26 -20.88 4.22 -3.01
N PRO A 27 -22.12 4.69 -3.24
CA PRO A 27 -22.90 5.29 -2.12
C PRO A 27 -23.02 4.39 -0.90
N LYS A 28 -23.23 3.08 -1.08
CA LYS A 28 -23.40 2.24 0.09
C LYS A 28 -22.19 2.29 1.02
N LEU A 29 -21.01 2.62 0.50
CA LEU A 29 -19.82 2.66 1.32
C LEU A 29 -19.52 4.05 1.88
N GLY A 30 -20.31 5.08 1.53
CA GLY A 30 -20.06 6.40 2.09
C GLY A 30 -18.62 6.86 1.85
N LYS A 31 -17.96 7.31 2.92
CA LYS A 31 -16.60 7.82 2.81
C LYS A 31 -15.61 6.73 2.40
N ASN A 32 -15.97 5.47 2.49
CA ASN A 32 -15.07 4.43 2.03
C ASN A 32 -15.32 4.06 0.58
N GLY A 33 -16.19 4.79 -0.11
CA GLY A 33 -16.52 4.52 -1.49
C GLY A 33 -16.25 5.70 -2.40
N THR A 34 -15.30 6.55 -2.02
CA THR A 34 -14.97 7.71 -2.82
C THR A 34 -14.03 7.36 -3.97
N LYS A 35 -14.03 8.23 -4.97
CA LYS A 35 -13.06 8.11 -6.05
C LYS A 35 -11.64 8.04 -5.50
N GLY A 36 -11.35 8.79 -4.44
CA GLY A 36 -10.02 8.73 -3.83
C GLY A 36 -9.69 7.37 -3.25
N LYS A 37 -10.69 6.70 -2.64
CA LYS A 37 -10.50 5.33 -2.17
C LYS A 37 -10.17 4.40 -3.32
N LEU A 38 -10.85 4.59 -4.45
CA LEU A 38 -10.60 3.76 -5.62
C LEU A 38 -9.21 3.98 -6.17
N VAL A 39 -8.78 5.23 -6.27
CA VAL A 39 -7.43 5.53 -6.74
C VAL A 39 -6.40 4.95 -5.78
N GLU A 40 -6.64 5.06 -4.47
CA GLU A 40 -5.70 4.49 -3.51
C GLU A 40 -5.60 2.96 -3.66
N TYR A 41 -6.75 2.28 -3.82
CA TYR A 41 -6.70 0.83 -4.10
C TYR A 41 -5.87 0.55 -5.35
N TYR A 42 -6.17 1.23 -6.45
CA TYR A 42 -5.42 0.96 -7.69
C TYR A 42 -3.94 1.27 -7.53
N LEU A 43 -3.60 2.33 -6.80
CA LEU A 43 -2.17 2.59 -6.55
C LEU A 43 -1.54 1.44 -5.79
N SER A 44 -2.34 0.77 -4.94
CA SER A 44 -1.84 -0.36 -4.17
C SER A 44 -1.55 -1.57 -5.03
N VAL A 45 -2.27 -1.74 -6.14
CA VAL A 45 -2.05 -2.95 -6.95
C VAL A 45 -1.39 -2.72 -8.32
N ALA A 46 -1.41 -1.49 -8.85
CA ALA A 46 -1.02 -1.23 -10.24
C ALA A 46 0.47 -1.36 -10.50
N SER A 47 1.31 -1.25 -9.47
CA SER A 47 2.74 -1.42 -9.65
C SER A 47 3.18 -2.87 -9.46
N GLY A 48 2.34 -3.69 -8.85
CA GLY A 48 2.73 -5.05 -8.55
C GLY A 48 1.94 -6.07 -9.34
N PRO A 49 1.10 -6.81 -8.63
CA PRO A 49 0.47 -8.00 -9.25
C PRO A 49 -0.49 -7.67 -10.39
N MET A 50 -1.18 -6.53 -10.34
CA MET A 50 -2.11 -6.21 -11.43
C MET A 50 -1.38 -5.89 -12.73
N LEU A 51 -0.27 -5.14 -12.63
CA LEU A 51 0.48 -4.74 -13.82
C LEU A 51 1.00 -5.96 -14.58
N ALA A 52 1.56 -6.94 -13.88
CA ALA A 52 2.11 -8.12 -14.54
C ALA A 52 1.04 -8.82 -15.36
N LEU A 53 -0.19 -8.89 -14.85
CA LEU A 53 -1.23 -9.60 -15.58
C LEU A 53 -1.81 -8.76 -16.73
N LEU A 54 -1.71 -7.43 -16.65
CA LEU A 54 -2.21 -6.58 -17.73
C LEU A 54 -1.14 -6.18 -18.75
N ARG A 55 0.11 -6.53 -18.52
CA ARG A 55 1.20 -5.90 -19.26
C ARG A 55 1.11 -6.12 -20.77
N ASP A 56 1.20 -5.03 -21.53
CA ASP A 56 1.16 -5.05 -22.99
C ASP A 56 -0.19 -5.41 -23.57
N ARG A 57 -1.23 -5.44 -22.76
CA ARG A 57 -2.55 -5.79 -23.28
C ARG A 57 -3.35 -4.53 -23.64
N PRO A 58 -4.07 -4.54 -24.76
CA PRO A 58 -5.07 -3.48 -25.00
C PRO A 58 -6.28 -3.72 -24.13
N VAL A 59 -6.85 -2.63 -23.61
CA VAL A 59 -7.97 -2.72 -22.67
C VAL A 59 -9.10 -1.78 -23.11
N HIS A 60 -10.32 -2.15 -22.73
CA HIS A 60 -11.46 -1.25 -22.75
C HIS A 60 -11.73 -0.80 -21.33
N LEU A 61 -12.37 0.37 -21.18
CA LEU A 61 -12.58 0.94 -19.86
C LEU A 61 -14.07 1.07 -19.58
N GLN A 62 -14.50 0.59 -18.42
CA GLN A 62 -15.87 0.72 -17.95
C GLN A 62 -15.84 1.80 -16.88
N ARG A 63 -16.41 2.97 -17.22
CA ARG A 63 -16.23 4.23 -16.50
C ARG A 63 -17.54 4.67 -15.88
N PHE A 64 -17.45 5.20 -14.66
CA PHE A 64 -18.60 5.78 -13.97
C PHE A 64 -18.18 7.12 -13.40
N PRO A 65 -18.03 8.14 -14.25
CA PRO A 65 -17.52 9.43 -13.75
C PRO A 65 -18.39 10.03 -12.66
N ASP A 66 -19.66 9.64 -12.58
CA ASP A 66 -20.56 10.11 -11.53
C ASP A 66 -20.96 8.98 -10.57
N GLY A 67 -20.11 7.98 -10.41
CA GLY A 67 -20.42 6.88 -9.50
C GLY A 67 -21.31 5.83 -10.14
N ILE A 68 -21.37 4.66 -9.49
CA ILE A 68 -22.00 3.49 -10.11
C ILE A 68 -23.51 3.59 -10.26
N GLU A 69 -24.17 4.55 -9.63
CA GLU A 69 -25.58 4.79 -9.86
C GLU A 69 -25.83 5.87 -10.90
N GLY A 70 -24.78 6.36 -11.56
CA GLY A 70 -24.90 7.34 -12.61
C GLY A 70 -24.59 6.79 -13.97
N GLU A 71 -24.29 7.69 -14.90
CA GLU A 71 -24.04 7.30 -16.29
C GLU A 71 -22.87 6.34 -16.38
N GLU A 72 -23.04 5.31 -17.20
CA GLU A 72 -21.99 4.33 -17.47
C GLU A 72 -21.43 4.58 -18.85
N ILE A 73 -20.11 4.64 -18.97
CA ILE A 73 -19.43 4.88 -20.24
C ILE A 73 -18.51 3.69 -20.50
N TYR A 74 -18.86 2.86 -21.49
CA TYR A 74 -18.01 1.75 -21.92
C TYR A 74 -17.22 2.22 -23.13
N GLN A 75 -15.91 2.27 -23.00
CA GLN A 75 -15.03 3.01 -23.91
C GLN A 75 -13.98 2.07 -24.47
N LYS A 76 -13.96 1.92 -25.81
CA LYS A 76 -12.95 1.10 -26.46
C LYS A 76 -11.81 1.95 -27.04
N ARG A 77 -12.14 3.03 -27.74
CA ARG A 77 -11.12 3.88 -28.33
C ARG A 77 -10.54 4.85 -27.31
N VAL A 78 -9.27 5.16 -27.49
CA VAL A 78 -8.59 6.14 -26.64
C VAL A 78 -8.93 7.53 -27.19
N PRO A 79 -9.16 8.52 -26.34
CA PRO A 79 -9.46 9.86 -26.85
C PRO A 79 -8.31 10.36 -27.72
N GLN A 80 -8.66 11.08 -28.78
CA GLN A 80 -7.65 11.61 -29.69
C GLN A 80 -6.57 12.37 -28.92
N LYS A 81 -6.97 13.29 -28.05
CA LYS A 81 -6.04 14.03 -27.20
C LYS A 81 -5.98 13.37 -25.85
N HIS A 82 -4.77 13.04 -25.42
CA HIS A 82 -4.53 12.31 -24.18
C HIS A 82 -3.08 12.54 -23.78
N PRO A 83 -2.73 12.25 -22.53
CA PRO A 83 -1.35 12.50 -22.08
C PRO A 83 -0.30 11.71 -22.87
N ASP A 84 0.86 12.33 -23.01
CA ASP A 84 2.01 11.75 -23.69
C ASP A 84 2.41 10.39 -23.16
N TYR A 85 2.21 10.15 -21.87
CA TYR A 85 2.70 8.93 -21.26
C TYR A 85 1.79 7.74 -21.51
N LEU A 86 0.64 7.92 -22.15
CA LEU A 86 -0.24 6.81 -22.48
C LEU A 86 0.16 6.23 -23.83
N GLU A 87 0.16 4.91 -23.92
CA GLU A 87 0.52 4.20 -25.13
C GLU A 87 -0.69 3.44 -25.62
N THR A 88 -0.73 3.16 -26.91
CA THR A 88 -1.88 2.52 -27.53
C THR A 88 -1.40 1.44 -28.47
N CYS A 89 -2.35 0.64 -28.95
CA CYS A 89 -2.00 -0.34 -29.97
C CYS A 89 -3.26 -0.70 -30.74
N VAL A 90 -3.08 -1.29 -31.91
CA VAL A 90 -4.17 -1.46 -32.87
C VAL A 90 -4.82 -2.81 -32.65
N VAL A 91 -6.15 -2.81 -32.43
CA VAL A 91 -6.93 -4.04 -32.34
C VAL A 91 -7.87 -4.08 -33.54
N THR A 92 -8.30 -5.30 -33.89
CA THR A 92 -9.23 -5.53 -34.99
C THR A 92 -10.49 -6.17 -34.43
N PHE A 93 -11.64 -5.53 -34.68
CA PHE A 93 -12.93 -6.02 -34.20
C PHE A 93 -13.50 -7.08 -35.14
N PRO A 94 -14.53 -7.82 -34.67
CA PRO A 94 -15.12 -8.87 -35.53
C PRO A 94 -15.50 -8.37 -36.92
N SER A 95 -15.95 -7.13 -37.06
CA SER A 95 -16.32 -6.61 -38.37
C SER A 95 -15.11 -6.36 -39.26
N GLY A 96 -13.90 -6.35 -38.74
CA GLY A 96 -12.75 -5.93 -39.49
C GLY A 96 -12.31 -4.50 -39.23
N ARG A 97 -13.18 -3.67 -38.64
CA ARG A 97 -12.74 -2.34 -38.22
C ARG A 97 -11.57 -2.48 -37.24
N THR A 98 -10.66 -1.50 -37.29
CA THR A 98 -9.54 -1.43 -36.37
C THR A 98 -9.66 -0.17 -35.54
N ALA A 99 -8.99 -0.19 -34.39
CA ALA A 99 -8.98 0.98 -33.52
C ALA A 99 -7.72 0.98 -32.67
N ASP A 100 -7.36 2.17 -32.22
CA ASP A 100 -6.32 2.35 -31.23
C ASP A 100 -6.93 2.15 -29.84
N ALA A 101 -6.47 1.16 -29.11
CA ALA A 101 -6.92 0.92 -27.76
C ALA A 101 -5.80 1.26 -26.81
N LEU A 102 -6.16 1.68 -25.60
CA LEU A 102 -5.20 1.89 -24.54
C LEU A 102 -4.42 0.61 -24.26
N LYS A 103 -3.10 0.72 -24.21
CA LYS A 103 -2.24 -0.43 -23.92
C LYS A 103 -1.67 -0.24 -22.53
N ILE A 104 -1.77 -1.25 -21.69
CA ILE A 104 -1.25 -1.12 -20.32
C ILE A 104 0.23 -1.46 -20.35
N THR A 105 1.10 -0.45 -20.12
CA THR A 105 2.54 -0.63 -20.14
C THR A 105 3.23 -0.20 -18.85
N HIS A 106 2.52 0.42 -17.92
CA HIS A 106 3.12 1.14 -16.79
C HIS A 106 1.98 1.43 -15.82
N PRO A 107 2.24 1.46 -14.50
CA PRO A 107 1.13 1.75 -13.56
C PRO A 107 0.42 3.06 -13.84
N SER A 108 1.11 4.03 -14.44
CA SER A 108 0.47 5.31 -14.71
C SER A 108 -0.74 5.15 -15.60
N SER A 109 -0.78 4.15 -16.48
CA SER A 109 -1.97 4.04 -17.35
C SER A 109 -3.17 3.51 -16.58
N ILE A 110 -2.96 2.64 -15.59
CA ILE A 110 -4.06 2.21 -14.72
C ILE A 110 -4.53 3.38 -13.86
N ILE A 111 -3.59 4.16 -13.33
CA ILE A 111 -4.00 5.29 -12.50
C ILE A 111 -4.70 6.35 -13.34
N TRP A 112 -4.24 6.60 -14.58
CA TRP A 112 -4.97 7.50 -15.45
C TRP A 112 -6.40 7.00 -15.69
N ALA A 113 -6.55 5.68 -15.94
CA ALA A 113 -7.89 5.14 -16.12
C ALA A 113 -8.76 5.42 -14.90
N ALA A 114 -8.20 5.23 -13.71
CA ALA A 114 -8.96 5.48 -12.49
C ALA A 114 -9.33 6.96 -12.38
N GLN A 115 -8.39 7.85 -12.72
CA GLN A 115 -8.69 9.27 -12.72
C GLN A 115 -9.82 9.59 -13.68
N MET A 116 -9.94 8.85 -14.78
CA MET A 116 -11.02 9.05 -15.72
C MET A 116 -12.32 8.39 -15.26
N GLY A 117 -12.34 7.85 -14.05
CA GLY A 117 -13.54 7.21 -13.53
C GLY A 117 -13.68 5.74 -13.85
N THR A 118 -12.61 5.11 -14.33
CA THR A 118 -12.68 3.68 -14.64
C THR A 118 -12.84 2.90 -13.37
N VAL A 119 -13.96 2.21 -13.24
CA VAL A 119 -14.10 1.20 -12.19
C VAL A 119 -13.53 -0.13 -12.66
N THR A 120 -13.85 -0.54 -13.90
CA THR A 120 -13.44 -1.89 -14.33
C THR A 120 -12.65 -1.78 -15.63
N LEU A 121 -11.48 -2.44 -15.68
CA LEU A 121 -10.68 -2.58 -16.89
C LEU A 121 -10.97 -3.92 -17.55
N HIS A 122 -11.03 -3.92 -18.88
CA HIS A 122 -11.45 -5.09 -19.63
C HIS A 122 -10.35 -5.42 -20.65
N PRO A 123 -9.39 -6.26 -20.30
CA PRO A 123 -8.28 -6.54 -21.21
C PRO A 123 -8.66 -7.56 -22.26
N TRP A 124 -8.15 -7.35 -23.47
CA TRP A 124 -8.19 -8.38 -24.49
C TRP A 124 -7.32 -9.56 -24.05
N GLN A 125 -7.52 -10.71 -24.70
CA GLN A 125 -6.77 -11.92 -24.46
C GLN A 125 -5.52 -12.03 -25.34
N VAL A 126 -4.99 -10.88 -25.79
CA VAL A 126 -3.79 -10.83 -26.64
C VAL A 126 -2.84 -9.84 -26.00
N ARG A 127 -1.58 -9.89 -26.45
CA ARG A 127 -0.59 -8.86 -26.18
C ARG A 127 -0.29 -8.10 -27.46
N CYS A 128 -0.17 -6.78 -27.35
CA CYS A 128 0.29 -5.95 -28.46
C CYS A 128 1.72 -6.32 -28.80
N PRO A 129 2.11 -6.25 -30.09
CA PRO A 129 1.23 -5.84 -31.19
C PRO A 129 0.58 -6.99 -31.98
N ASP A 130 0.82 -8.23 -31.56
CA ASP A 130 0.28 -9.42 -32.23
C ASP A 130 -1.15 -9.66 -31.73
N THR A 131 -2.05 -8.74 -32.12
CA THR A 131 -3.41 -8.75 -31.59
C THR A 131 -4.34 -9.68 -32.37
N GLU A 132 -3.80 -10.50 -33.28
CA GLU A 132 -4.57 -11.58 -33.88
C GLU A 132 -4.41 -12.94 -33.18
N HIS A 133 -3.49 -13.09 -32.25
CA HIS A 133 -3.21 -14.40 -31.65
C HIS A 133 -3.27 -14.36 -30.13
N PRO A 134 -4.33 -14.86 -29.52
CA PRO A 134 -4.44 -14.87 -28.07
C PRO A 134 -3.27 -15.57 -27.42
N ASP A 135 -2.82 -15.03 -26.28
CA ASP A 135 -1.92 -15.77 -25.40
C ASP A 135 -2.65 -16.23 -24.14
N GLU A 136 -3.98 -16.24 -24.18
CA GLU A 136 -4.76 -16.51 -22.98
C GLU A 136 -6.05 -17.19 -23.41
N LEU A 137 -6.31 -18.37 -22.90
CA LEU A 137 -7.62 -19.02 -23.04
C LEU A 137 -8.38 -18.83 -21.74
N ARG A 138 -9.65 -18.42 -21.84
CA ARG A 138 -10.45 -18.05 -20.69
C ARG A 138 -11.59 -19.04 -20.48
N VAL A 139 -11.77 -19.49 -19.25
CA VAL A 139 -12.90 -20.34 -18.88
C VAL A 139 -13.78 -19.53 -17.96
N ASP A 140 -15.02 -19.33 -18.37
CA ASP A 140 -15.95 -18.50 -17.63
C ASP A 140 -17.07 -19.35 -17.04
N LEU A 141 -17.02 -19.58 -15.71
CA LEU A 141 -18.02 -20.38 -15.01
C LEU A 141 -19.09 -19.45 -14.46
N ASP A 142 -20.28 -19.52 -15.06
CA ASP A 142 -21.36 -18.54 -14.92
C ASP A 142 -22.55 -19.21 -14.26
N PRO A 143 -22.77 -19.03 -12.95
CA PRO A 143 -23.93 -19.66 -12.31
C PRO A 143 -25.23 -19.14 -12.92
N GLN A 144 -26.12 -20.07 -13.27
CA GLN A 144 -27.47 -19.70 -13.72
C GLN A 144 -28.41 -19.59 -12.53
N PRO A 145 -29.59 -18.99 -12.72
CA PRO A 145 -30.54 -18.85 -11.61
C PRO A 145 -30.75 -20.19 -10.91
N GLY A 146 -30.81 -20.14 -9.58
CA GLY A 146 -30.81 -21.34 -8.77
C GLY A 146 -29.44 -21.84 -8.35
N THR A 147 -28.36 -21.28 -8.89
CA THR A 147 -27.00 -21.64 -8.52
C THR A 147 -26.20 -20.36 -8.24
N GLY A 148 -25.00 -20.54 -7.69
CA GLY A 148 -24.22 -19.40 -7.26
C GLY A 148 -22.76 -19.75 -7.12
N PHE A 149 -22.04 -18.93 -6.35
CA PHE A 149 -20.60 -19.10 -6.24
C PHE A 149 -20.23 -20.48 -5.70
N LYS A 150 -21.02 -21.07 -4.82
CA LYS A 150 -20.67 -22.39 -4.29
C LYS A 150 -20.60 -23.43 -5.40
N GLU A 151 -21.59 -23.45 -6.29
CA GLU A 151 -21.51 -24.36 -7.44
C GLU A 151 -20.30 -24.04 -8.30
N ALA A 152 -20.03 -22.75 -8.53
CA ALA A 152 -18.90 -22.43 -9.41
C ALA A 152 -17.58 -22.90 -8.80
N ARG A 153 -17.37 -22.66 -7.51
CA ARG A 153 -16.07 -23.03 -6.92
C ARG A 153 -15.94 -24.55 -6.86
N THR A 154 -17.05 -25.25 -6.57
CA THR A 154 -17.05 -26.71 -6.55
C THR A 154 -16.69 -27.28 -7.91
N VAL A 155 -17.37 -26.83 -8.97
CA VAL A 155 -17.06 -27.33 -10.31
C VAL A 155 -15.63 -26.98 -10.71
N ALA A 156 -15.18 -25.77 -10.39
CA ALA A 156 -13.81 -25.41 -10.74
C ALA A 156 -12.81 -26.34 -10.05
N CYS A 157 -12.97 -26.54 -8.73
CA CYS A 157 -11.96 -27.32 -8.01
C CYS A 157 -12.05 -28.82 -8.27
N ASP A 158 -13.27 -29.36 -8.35
CA ASP A 158 -13.48 -30.80 -8.36
C ASP A 158 -13.58 -31.40 -9.75
N VAL A 159 -13.86 -30.58 -10.77
CA VAL A 159 -14.04 -31.10 -12.13
C VAL A 159 -13.00 -30.50 -13.06
N LEU A 160 -12.94 -29.17 -13.14
CA LEU A 160 -12.06 -28.51 -14.10
C LEU A 160 -10.59 -28.72 -13.76
N LYS A 161 -10.22 -28.51 -12.50
CA LYS A 161 -8.82 -28.61 -12.11
C LYS A 161 -8.25 -30.00 -12.32
N PRO A 162 -8.92 -31.08 -11.89
CA PRO A 162 -8.37 -32.42 -12.20
C PRO A 162 -8.30 -32.73 -13.68
N LEU A 163 -9.25 -32.23 -14.49
CA LEU A 163 -9.18 -32.39 -15.94
C LEU A 163 -7.94 -31.69 -16.51
N LEU A 164 -7.68 -30.46 -16.09
CA LEU A 164 -6.46 -29.77 -16.51
C LEU A 164 -5.21 -30.57 -16.12
N ASP A 165 -5.20 -31.13 -14.90
CA ASP A 165 -4.09 -32.02 -14.52
C ASP A 165 -3.94 -33.16 -15.53
N GLU A 166 -5.05 -33.86 -15.85
CA GLU A 166 -4.95 -34.97 -16.78
C GLU A 166 -4.40 -34.52 -18.12
N LEU A 167 -4.78 -33.31 -18.56
CA LEU A 167 -4.34 -32.79 -19.86
C LEU A 167 -2.91 -32.25 -19.84
N GLY A 168 -2.24 -32.21 -18.69
CA GLY A 168 -0.93 -31.59 -18.64
C GLY A 168 -0.97 -30.08 -18.73
N LEU A 169 -2.12 -29.48 -18.42
CA LEU A 169 -2.28 -28.03 -18.49
C LEU A 169 -2.37 -27.44 -17.07
N VAL A 170 -1.96 -26.18 -16.96
CA VAL A 170 -2.04 -25.41 -15.72
C VAL A 170 -2.96 -24.23 -15.94
N GLY A 171 -3.90 -24.03 -15.01
CA GLY A 171 -4.82 -22.92 -15.09
C GLY A 171 -4.77 -22.14 -13.79
N TYR A 172 -5.18 -20.88 -13.86
CA TYR A 172 -5.15 -19.97 -12.73
C TYR A 172 -6.53 -19.39 -12.45
N PRO A 173 -7.09 -19.58 -11.24
CA PRO A 173 -8.47 -19.13 -10.98
C PRO A 173 -8.55 -17.78 -10.26
N LYS A 174 -9.60 -17.03 -10.58
CA LYS A 174 -9.92 -15.83 -9.82
C LYS A 174 -11.43 -15.77 -9.64
N THR A 175 -11.86 -15.09 -8.58
CA THR A 175 -13.27 -14.71 -8.53
C THR A 175 -13.52 -13.67 -9.62
N SER A 176 -14.74 -13.67 -10.16
CA SER A 176 -15.09 -12.60 -11.09
C SER A 176 -15.38 -11.33 -10.36
N GLY A 177 -15.73 -11.42 -9.07
CA GLY A 177 -16.32 -10.34 -8.35
C GLY A 177 -17.81 -10.30 -8.52
N GLY A 178 -18.35 -11.13 -9.40
CA GLY A 178 -19.79 -11.34 -9.47
C GLY A 178 -20.15 -12.62 -8.74
N ARG A 179 -20.84 -13.56 -9.39
CA ARG A 179 -21.21 -14.79 -8.70
C ARG A 179 -20.38 -15.98 -9.11
N GLY A 180 -19.53 -15.83 -10.12
CA GLY A 180 -18.87 -16.95 -10.73
C GLY A 180 -17.37 -16.88 -10.61
N VAL A 181 -16.73 -17.70 -11.42
CA VAL A 181 -15.30 -17.96 -11.36
C VAL A 181 -14.73 -17.87 -12.76
N HIS A 182 -13.54 -17.26 -12.88
CA HIS A 182 -12.77 -17.22 -14.12
C HIS A 182 -11.52 -18.08 -13.99
N VAL A 183 -11.15 -18.81 -15.04
CA VAL A 183 -9.90 -19.58 -15.04
C VAL A 183 -9.13 -19.27 -16.30
N PHE A 184 -7.86 -18.86 -16.16
CA PHE A 184 -7.00 -18.49 -17.29
C PHE A 184 -5.95 -19.56 -17.57
N LEU A 185 -5.71 -19.85 -18.85
CA LEU A 185 -4.58 -20.67 -19.28
C LEU A 185 -3.67 -19.80 -20.13
N ARG A 186 -2.41 -19.69 -19.75
CA ARG A 186 -1.45 -18.99 -20.60
C ARG A 186 -1.01 -19.92 -21.71
N ILE A 187 -1.10 -19.47 -22.96
CA ILE A 187 -0.74 -20.31 -24.10
C ILE A 187 0.23 -19.53 -24.97
N LYS A 188 1.05 -20.27 -25.71
CA LYS A 188 1.81 -19.67 -26.79
C LYS A 188 0.86 -18.94 -27.73
N PRO A 189 1.23 -17.75 -28.23
CA PRO A 189 0.38 -17.00 -29.17
C PRO A 189 0.41 -17.57 -30.59
N GLN A 190 0.22 -18.88 -30.72
CA GLN A 190 0.38 -19.54 -32.01
C GLN A 190 -0.95 -19.81 -32.73
N TRP A 191 -2.09 -19.60 -32.07
CA TRP A 191 -3.41 -19.89 -32.66
C TRP A 191 -4.25 -18.60 -32.72
N ASP A 192 -5.21 -18.52 -33.66
CA ASP A 192 -6.03 -17.32 -33.80
C ASP A 192 -7.30 -17.43 -32.94
N PHE A 193 -8.17 -16.40 -33.01
CA PHE A 193 -9.35 -16.37 -32.14
C PHE A 193 -10.27 -17.56 -32.41
N ILE A 194 -10.40 -17.95 -33.67
CA ILE A 194 -11.28 -19.05 -34.03
C ILE A 194 -10.80 -20.34 -33.37
N GLU A 195 -9.51 -20.61 -33.48
CA GLU A 195 -8.94 -21.84 -32.94
C GLU A 195 -8.99 -21.84 -31.42
N VAL A 196 -8.61 -20.74 -30.78
CA VAL A 196 -8.65 -20.71 -29.31
C VAL A 196 -10.08 -20.89 -28.83
N ARG A 197 -11.05 -20.26 -29.50
CA ARG A 197 -12.45 -20.42 -29.08
C ARG A 197 -12.91 -21.86 -29.27
N ARG A 198 -12.51 -22.52 -30.37
CA ARG A 198 -12.88 -23.93 -30.53
C ARG A 198 -12.25 -24.77 -29.43
N ALA A 199 -10.99 -24.51 -29.08
CA ALA A 199 -10.37 -25.22 -27.98
C ALA A 199 -11.17 -25.05 -26.69
N GLY A 200 -11.64 -23.82 -26.43
CA GLY A 200 -12.43 -23.56 -25.24
C GLY A 200 -13.78 -24.27 -25.26
N ILE A 201 -14.38 -24.39 -26.45
CA ILE A 201 -15.63 -25.16 -26.54
C ILE A 201 -15.38 -26.62 -26.21
N ALA A 202 -14.31 -27.20 -26.75
CA ALA A 202 -14.03 -28.59 -26.45
C ALA A 202 -13.74 -28.80 -24.95
N LEU A 203 -13.00 -27.87 -24.35
CA LEU A 203 -12.78 -27.93 -22.90
C LEU A 203 -14.10 -27.87 -22.14
N ALA A 204 -14.99 -26.93 -22.53
CA ALA A 204 -16.26 -26.79 -21.84
C ALA A 204 -17.09 -28.06 -21.96
N ARG A 205 -17.13 -28.66 -23.16
CA ARG A 205 -17.92 -29.87 -23.36
C ARG A 205 -17.36 -31.02 -22.54
N GLU A 206 -16.03 -31.09 -22.35
CA GLU A 206 -15.48 -32.16 -21.53
C GLU A 206 -15.83 -31.96 -20.05
N VAL A 207 -15.73 -30.72 -19.54
CA VAL A 207 -16.18 -30.45 -18.18
C VAL A 207 -17.64 -30.87 -18.04
N GLU A 208 -18.47 -30.51 -19.01
CA GLU A 208 -19.88 -30.86 -18.95
C GLU A 208 -20.08 -32.36 -18.90
N ARG A 209 -19.46 -33.10 -19.81
CA ARG A 209 -19.77 -34.53 -19.80
C ARG A 209 -19.21 -35.21 -18.55
N ARG A 210 -18.27 -34.56 -17.82
CA ARG A 210 -17.88 -35.14 -16.53
C ARG A 210 -18.86 -34.83 -15.40
N ALA A 211 -19.65 -33.77 -15.49
CA ALA A 211 -20.57 -33.38 -14.43
C ALA A 211 -21.84 -32.82 -15.07
N PRO A 212 -22.56 -33.66 -15.83
CA PRO A 212 -23.69 -33.15 -16.62
C PRO A 212 -24.87 -32.72 -15.77
N ASP A 213 -25.01 -33.21 -14.54
CA ASP A 213 -26.05 -32.69 -13.66
C ASP A 213 -25.71 -31.34 -13.07
N ALA A 214 -24.45 -30.92 -13.13
CA ALA A 214 -24.00 -29.67 -12.54
C ALA A 214 -23.60 -28.61 -13.56
N VAL A 215 -23.42 -28.98 -14.83
CA VAL A 215 -22.80 -28.12 -15.83
C VAL A 215 -23.57 -28.18 -17.15
N THR A 216 -23.64 -27.05 -17.85
CA THR A 216 -24.27 -27.04 -19.16
C THR A 216 -23.47 -26.15 -20.10
N THR A 217 -23.44 -26.53 -21.38
CA THR A 217 -22.93 -25.67 -22.45
C THR A 217 -24.06 -25.18 -23.35
N SER A 218 -25.31 -25.44 -23.00
CA SER A 218 -26.42 -25.14 -23.89
C SER A 218 -26.49 -23.64 -24.13
N TRP A 219 -26.38 -23.24 -25.40
CA TRP A 219 -26.57 -21.83 -25.75
C TRP A 219 -27.98 -21.38 -25.43
N TRP A 220 -28.97 -22.26 -25.59
CA TRP A 220 -30.38 -21.89 -25.42
C TRP A 220 -30.76 -21.96 -23.94
N LYS A 221 -31.30 -20.86 -23.40
CA LYS A 221 -31.46 -20.75 -21.95
C LYS A 221 -32.44 -21.77 -21.38
N GLU A 222 -33.49 -22.10 -22.13
CA GLU A 222 -34.49 -23.02 -21.59
C GLU A 222 -33.95 -24.44 -21.37
N GLU A 223 -32.79 -24.77 -21.93
CA GLU A 223 -32.17 -26.07 -21.71
C GLU A 223 -31.20 -26.09 -20.55
N ARG A 224 -30.86 -24.93 -19.97
CA ARG A 224 -29.74 -24.91 -19.04
C ARG A 224 -30.13 -25.40 -17.65
N GLY A 225 -31.26 -24.97 -17.14
CA GLY A 225 -31.64 -25.30 -15.79
C GLY A 225 -30.72 -24.71 -14.71
N GLU A 226 -30.84 -25.28 -13.51
CA GLU A 226 -30.12 -24.79 -12.34
C GLU A 226 -28.75 -25.45 -12.33
N ARG A 227 -27.93 -24.99 -13.27
CA ARG A 227 -26.60 -25.50 -13.48
C ARG A 227 -25.67 -24.34 -13.81
N LEU A 228 -24.40 -24.64 -13.73
CA LEU A 228 -23.36 -23.69 -14.09
C LEU A 228 -23.18 -23.74 -15.61
N PHE A 229 -23.28 -22.58 -16.27
CA PHE A 229 -23.03 -22.48 -17.70
C PHE A 229 -21.57 -22.09 -17.93
N ILE A 230 -20.87 -22.80 -18.82
CA ILE A 230 -19.52 -22.41 -19.20
C ILE A 230 -19.65 -21.56 -20.46
N ASP A 231 -19.42 -20.26 -20.35
CA ASP A 231 -19.70 -19.35 -21.44
C ASP A 231 -18.51 -19.37 -22.39
N TYR A 232 -18.54 -20.32 -23.33
CA TYR A 232 -17.47 -20.56 -24.27
C TYR A 232 -17.28 -19.38 -25.22
N ASN A 233 -18.32 -18.56 -25.38
CA ASN A 233 -18.16 -17.42 -26.26
C ASN A 233 -17.27 -16.33 -25.68
N GLN A 234 -16.86 -16.44 -24.42
CA GLN A 234 -15.92 -15.44 -23.93
C GLN A 234 -14.55 -15.58 -24.58
N ASN A 235 -14.32 -16.62 -25.39
CA ASN A 235 -13.06 -16.61 -26.11
C ASN A 235 -13.17 -15.98 -27.49
N ALA A 236 -14.27 -15.33 -27.81
CA ALA A 236 -14.39 -14.65 -29.09
C ALA A 236 -13.65 -13.31 -29.06
N ARG A 237 -13.42 -12.80 -30.26
CA ARG A 237 -12.87 -11.47 -30.44
C ARG A 237 -13.80 -10.41 -29.84
N ASP A 238 -13.22 -9.36 -29.27
CA ASP A 238 -13.99 -8.25 -28.69
C ASP A 238 -14.99 -8.77 -27.67
N ARG A 239 -14.63 -9.88 -27.05
CA ARG A 239 -15.24 -10.34 -25.82
C ARG A 239 -14.11 -10.29 -24.82
N THR A 240 -14.34 -9.59 -23.73
CA THR A 240 -13.32 -9.45 -22.73
C THR A 240 -13.90 -9.83 -21.37
N PHE A 241 -13.05 -9.73 -20.38
CA PHE A 241 -13.33 -10.11 -19.01
C PHE A 241 -12.98 -8.92 -18.13
N ALA A 242 -13.66 -8.76 -17.00
CA ALA A 242 -13.08 -7.86 -16.01
C ALA A 242 -11.67 -8.37 -15.69
N SER A 243 -10.71 -7.46 -15.62
CA SER A 243 -9.33 -7.88 -15.36
C SER A 243 -9.18 -8.41 -13.94
N ALA A 244 -8.14 -9.23 -13.77
CA ALA A 244 -7.62 -9.47 -12.44
C ALA A 244 -7.41 -8.14 -11.72
N TYR A 245 -7.84 -8.06 -10.46
CA TYR A 245 -7.73 -6.91 -9.58
C TYR A 245 -8.64 -5.74 -9.93
N SER A 246 -9.46 -5.85 -10.99
CA SER A 246 -10.44 -4.79 -11.25
C SER A 246 -11.51 -4.77 -10.17
N VAL A 247 -11.88 -3.56 -9.76
CA VAL A 247 -13.10 -3.36 -9.02
C VAL A 247 -14.29 -3.64 -9.95
N ARG A 248 -15.42 -4.01 -9.36
CA ARG A 248 -16.63 -4.29 -10.13
C ARG A 248 -17.70 -3.30 -9.72
N LYS A 249 -18.72 -3.17 -10.59
CA LYS A 249 -19.85 -2.31 -10.30
C LYS A 249 -20.85 -3.08 -9.43
N THR A 250 -20.46 -3.26 -8.18
CA THR A 250 -21.32 -3.85 -7.16
C THR A 250 -21.36 -2.88 -5.98
N PRO A 251 -22.40 -2.95 -5.14
CA PRO A 251 -22.54 -1.92 -4.10
C PRO A 251 -21.37 -1.85 -3.14
N ILE A 252 -20.66 -2.95 -2.91
CA ILE A 252 -19.54 -2.96 -1.96
C ILE A 252 -18.18 -2.91 -2.66
N ALA A 253 -18.15 -2.63 -3.97
CA ALA A 253 -16.91 -2.52 -4.73
C ALA A 253 -16.08 -3.80 -4.64
N THR A 254 -16.71 -4.92 -4.97
CA THR A 254 -15.98 -6.19 -4.96
C THR A 254 -14.91 -6.17 -6.04
N VAL A 255 -13.89 -6.99 -5.84
CA VAL A 255 -12.72 -7.04 -6.70
C VAL A 255 -12.59 -8.44 -7.27
N SER A 256 -12.18 -8.52 -8.55
CA SER A 256 -11.93 -9.82 -9.16
C SER A 256 -10.59 -10.32 -8.63
N MET A 257 -10.61 -11.40 -7.84
CA MET A 257 -9.51 -11.70 -6.93
C MET A 257 -8.79 -12.99 -7.32
N PRO A 258 -7.55 -12.93 -7.79
CA PRO A 258 -6.77 -14.16 -8.00
C PRO A 258 -6.57 -14.93 -6.71
N LEU A 259 -6.74 -16.26 -6.80
CA LEU A 259 -6.69 -17.19 -5.67
C LEU A 259 -5.86 -18.38 -6.08
N SER A 260 -5.37 -19.11 -5.09
CA SER A 260 -4.88 -20.44 -5.39
C SER A 260 -6.07 -21.39 -5.51
N TRP A 261 -5.82 -22.56 -6.09
CA TRP A 261 -6.87 -23.57 -6.13
C TRP A 261 -7.27 -23.97 -4.72
N ASP A 262 -6.30 -24.05 -3.81
CA ASP A 262 -6.63 -24.43 -2.45
C ASP A 262 -7.53 -23.40 -1.77
N GLU A 263 -7.25 -22.10 -1.97
CA GLU A 263 -8.09 -21.03 -1.42
C GLU A 263 -9.49 -21.04 -2.01
N LEU A 264 -9.61 -21.25 -3.32
CA LEU A 264 -10.90 -21.21 -3.99
C LEU A 264 -11.91 -22.17 -3.34
N ARG A 265 -11.45 -23.33 -2.84
CA ARG A 265 -12.37 -24.35 -2.32
C ARG A 265 -13.36 -23.78 -1.32
N ASN A 266 -12.90 -22.88 -0.44
CA ASN A 266 -13.75 -22.36 0.61
C ASN A 266 -13.88 -20.84 0.52
N ALA A 267 -13.67 -20.26 -0.66
CA ALA A 267 -13.62 -18.80 -0.79
C ALA A 267 -15.04 -18.21 -0.83
N ASP A 268 -15.14 -16.94 -0.44
CA ASP A 268 -16.40 -16.19 -0.54
C ASP A 268 -16.05 -14.88 -1.25
N PRO A 269 -16.59 -14.62 -2.45
CA PRO A 269 -16.13 -13.46 -3.23
C PRO A 269 -16.39 -12.13 -2.55
N ASP A 270 -17.35 -12.06 -1.63
CA ASP A 270 -17.58 -10.78 -0.94
C ASP A 270 -16.47 -10.42 0.03
N ASP A 271 -15.53 -11.33 0.31
CA ASP A 271 -14.40 -11.00 1.15
C ASP A 271 -13.43 -10.02 0.46
N TYR A 272 -13.48 -9.92 -0.87
CA TYR A 272 -12.45 -9.22 -1.66
C TYR A 272 -13.10 -7.98 -2.26
N THR A 273 -12.76 -6.81 -1.72
CA THR A 273 -13.26 -5.53 -2.21
C THR A 273 -12.12 -4.53 -2.32
N MET A 274 -12.41 -3.38 -2.93
CA MET A 274 -11.35 -2.37 -3.00
C MET A 274 -10.93 -1.94 -1.61
N ASN A 275 -11.76 -2.16 -0.60
CA ASN A 275 -11.38 -1.81 0.76
C ASN A 275 -10.54 -2.89 1.45
N THR A 276 -10.74 -4.17 1.12
CA THR A 276 -10.03 -5.23 1.85
C THR A 276 -8.82 -5.82 1.12
N VAL A 277 -8.75 -5.73 -0.22
CA VAL A 277 -7.75 -6.53 -0.96
C VAL A 277 -6.30 -6.17 -0.61
N PRO A 278 -5.91 -4.89 -0.54
CA PRO A 278 -4.48 -4.62 -0.28
C PRO A 278 -3.98 -5.26 1.00
N ASP A 279 -4.75 -5.12 2.09
CA ASP A 279 -4.35 -5.75 3.35
C ASP A 279 -4.33 -7.28 3.25
N LEU A 280 -5.19 -7.88 2.41
CA LEU A 280 -5.16 -9.33 2.22
C LEU A 280 -3.95 -9.79 1.42
N LEU A 281 -3.41 -8.93 0.54
CA LEU A 281 -2.21 -9.35 -0.21
C LEU A 281 -0.94 -9.34 0.65
N ALA A 282 -0.91 -8.54 1.71
CA ALA A 282 0.32 -8.36 2.48
C ALA A 282 0.78 -9.68 3.09
N GLY A 283 2.04 -10.04 2.89
CA GLY A 283 2.59 -11.26 3.45
C GLY A 283 2.11 -12.53 2.78
N ARG A 284 1.34 -12.43 1.71
CA ARG A 284 0.81 -13.58 1.00
C ARG A 284 1.46 -13.71 -0.37
N ASP A 285 2.00 -14.89 -0.68
CA ASP A 285 2.51 -15.18 -2.01
C ASP A 285 1.44 -14.93 -3.08
N ASP A 286 1.85 -14.29 -4.19
CA ASP A 286 0.92 -14.11 -5.31
C ASP A 286 0.56 -15.47 -5.91
N PRO A 287 -0.71 -15.93 -5.83
CA PRO A 287 -1.01 -17.28 -6.32
C PRO A 287 -0.81 -17.43 -7.81
N TRP A 288 -0.80 -16.33 -8.56
CA TRP A 288 -0.55 -16.36 -10.00
C TRP A 288 0.89 -15.97 -10.36
N ALA A 289 1.83 -16.06 -9.40
CA ALA A 289 3.20 -15.64 -9.69
C ALA A 289 3.78 -16.34 -10.92
N ASP A 290 3.42 -17.61 -11.16
CA ASP A 290 4.06 -18.41 -12.20
C ASP A 290 3.30 -18.44 -13.54
N ILE A 291 2.26 -17.63 -13.71
CA ILE A 291 1.42 -17.80 -14.89
C ILE A 291 2.23 -17.66 -16.17
N ASP A 292 3.23 -16.76 -16.18
CA ASP A 292 4.00 -16.57 -17.39
C ASP A 292 5.15 -17.55 -17.52
N SER A 293 5.33 -18.47 -16.56
CA SER A 293 6.53 -19.31 -16.59
C SER A 293 6.45 -20.38 -17.68
N VAL A 294 5.25 -20.74 -18.14
CA VAL A 294 5.08 -21.81 -19.13
C VAL A 294 4.10 -21.33 -20.19
N GLN A 295 4.58 -21.16 -21.42
CA GLN A 295 3.74 -20.82 -22.57
C GLN A 295 3.20 -22.13 -23.14
N GLN A 296 1.96 -22.46 -22.80
CA GLN A 296 1.46 -23.80 -23.04
C GLN A 296 0.99 -24.00 -24.47
N SER A 297 1.07 -25.24 -24.93
CA SER A 297 0.47 -25.62 -26.21
C SER A 297 -1.01 -25.89 -26.05
N LEU A 298 -1.79 -25.46 -27.03
CA LEU A 298 -3.21 -25.80 -27.12
C LEU A 298 -3.42 -27.25 -27.56
N GLY A 299 -2.35 -27.96 -27.95
CA GLY A 299 -2.43 -29.30 -28.49
C GLY A 299 -3.44 -30.20 -27.79
N PRO A 300 -3.34 -30.33 -26.46
CA PRO A 300 -4.29 -31.23 -25.75
C PRO A 300 -5.76 -30.83 -25.96
N LEU A 301 -6.03 -29.54 -26.04
CA LEU A 301 -7.43 -29.15 -26.23
C LEU A 301 -7.86 -29.30 -27.68
N LEU A 302 -6.94 -29.08 -28.64
CA LEU A 302 -7.27 -29.35 -30.04
C LEU A 302 -7.50 -30.83 -30.28
N ASP A 303 -6.83 -31.71 -29.51
CA ASP A 303 -7.21 -33.12 -29.54
C ASP A 303 -8.66 -33.29 -29.11
N LEU A 304 -9.07 -32.59 -28.04
CA LEU A 304 -10.50 -32.64 -27.66
C LEU A 304 -11.41 -32.17 -28.80
N VAL A 305 -11.01 -31.11 -29.51
CA VAL A 305 -11.80 -30.62 -30.65
C VAL A 305 -11.99 -31.72 -31.68
N ALA A 306 -10.89 -32.37 -32.08
CA ALA A 306 -10.99 -33.44 -33.08
C ALA A 306 -11.85 -34.62 -32.60
N ALA A 307 -11.73 -34.98 -31.32
CA ALA A 307 -12.57 -36.06 -30.80
C ALA A 307 -14.06 -35.67 -30.85
N ASP A 308 -14.37 -34.41 -30.54
CA ASP A 308 -15.77 -33.97 -30.68
C ASP A 308 -16.23 -34.07 -32.13
N GLU A 309 -15.37 -33.67 -33.07
CA GLU A 309 -15.73 -33.80 -34.50
C GLU A 309 -16.05 -35.23 -34.84
N GLU A 310 -15.28 -36.18 -34.30
CA GLU A 310 -15.61 -37.59 -34.55
C GLU A 310 -16.97 -37.96 -33.97
N ARG A 311 -17.37 -37.34 -32.86
CA ARG A 311 -18.72 -37.53 -32.31
C ARG A 311 -19.79 -36.83 -33.12
N GLY A 312 -19.43 -36.10 -34.18
CA GLY A 312 -20.40 -35.30 -34.90
C GLY A 312 -20.69 -33.94 -34.30
N LEU A 313 -19.82 -33.44 -33.41
CA LEU A 313 -20.01 -32.17 -32.71
C LEU A 313 -18.97 -31.15 -33.19
N GLY A 314 -19.44 -30.05 -33.77
CA GLY A 314 -18.55 -29.01 -34.25
C GLY A 314 -18.72 -27.69 -33.52
N ASP A 315 -18.81 -26.61 -34.29
CA ASP A 315 -18.91 -25.26 -33.76
C ASP A 315 -20.28 -25.01 -33.11
N LEU A 316 -20.30 -24.03 -32.20
CA LEU A 316 -21.53 -23.62 -31.54
C LEU A 316 -21.85 -22.16 -31.89
N PRO A 317 -23.06 -21.68 -31.62
CA PRO A 317 -23.40 -20.30 -32.01
C PRO A 317 -22.54 -19.28 -31.28
N TYR A 318 -22.25 -18.19 -31.98
CA TYR A 318 -21.71 -16.99 -31.38
C TYR A 318 -22.82 -16.21 -30.71
N PRO A 319 -22.49 -15.16 -29.96
CA PRO A 319 -23.56 -14.38 -29.32
C PRO A 319 -24.48 -13.79 -30.35
N PRO A 320 -25.74 -13.52 -29.97
CA PRO A 320 -26.70 -13.00 -30.96
C PRO A 320 -26.24 -11.74 -31.65
N ASN A 321 -25.59 -10.85 -30.91
CA ASN A 321 -25.18 -9.58 -31.50
C ASN A 321 -23.89 -9.68 -32.29
N TYR A 322 -23.35 -10.87 -32.51
CA TYR A 322 -21.96 -10.95 -32.92
C TYR A 322 -21.81 -10.63 -34.39
N PRO A 323 -20.95 -9.68 -34.74
CA PRO A 323 -20.72 -9.34 -36.14
C PRO A 323 -20.03 -10.49 -36.85
N LYS A 324 -19.72 -10.27 -38.12
CA LYS A 324 -18.93 -11.23 -38.89
C LYS A 324 -18.07 -10.43 -39.86
N MET A 325 -16.85 -10.92 -40.08
CA MET A 325 -15.95 -10.26 -41.02
C MET A 325 -16.31 -10.67 -42.44
N PRO A 326 -16.12 -9.77 -43.41
CA PRO A 326 -16.58 -10.06 -44.78
C PRO A 326 -16.19 -11.45 -45.28
N GLY A 327 -15.01 -11.95 -44.91
CA GLY A 327 -14.54 -13.26 -45.28
C GLY A 327 -14.69 -14.39 -44.28
N GLU A 328 -15.44 -14.20 -43.19
CA GLU A 328 -15.43 -15.12 -42.05
C GLU A 328 -16.22 -16.41 -42.29
N PRO A 329 -16.07 -17.39 -41.40
CA PRO A 329 -16.74 -18.69 -41.53
C PRO A 329 -18.03 -18.75 -40.71
N PRO A 330 -18.86 -19.80 -40.92
CA PRO A 330 -20.22 -19.79 -40.36
C PRO A 330 -20.30 -19.49 -38.86
N ARG A 331 -20.99 -18.40 -38.53
CA ARG A 331 -21.26 -18.00 -37.15
C ARG A 331 -22.52 -18.66 -36.56
C1' L2B D 7 -24.91 -7.32 -24.30
C2 L2B D 7 -24.04 -5.42 -25.70
C2' L2B D 7 -23.63 -7.96 -23.79
C3' L2B D 7 -24.02 -8.73 -22.54
C4 L2B D 7 -24.48 -3.21 -25.15
C4' L2B D 7 -25.53 -8.65 -22.49
C5 L2B D 7 -25.19 -3.62 -24.04
C5' L2B D 7 -26.03 -8.46 -21.07
C6 L2B D 7 -25.33 -4.97 -23.76
N1 L2B D 7 -24.76 -5.87 -24.58
N3 L2B D 7 -23.92 -4.11 -25.96
O2 L2B D 7 -23.51 -6.25 -26.48
O2' L2B D 7 -23.11 -8.88 -24.76
O4 L2B D 7 -24.35 -1.99 -25.40
O4' L2B D 7 -25.90 -7.52 -23.30
O5' L2B D 7 -27.45 -8.59 -21.03
OP1 L2B D 7 -29.83 -7.89 -20.55
OP2 L2B D 7 -28.04 -7.18 -19.01
P L2B D 7 -28.40 -7.42 -20.46
N SER E 4 -24.85 17.57 14.60
CA SER E 4 -23.58 18.16 15.02
C SER E 4 -23.13 17.62 16.39
N ALA E 5 -23.82 16.58 16.86
CA ALA E 5 -23.43 15.89 18.08
C ALA E 5 -22.27 14.94 17.81
N ALA E 6 -21.60 14.52 18.88
CA ALA E 6 -20.46 13.62 18.74
C ALA E 6 -20.87 12.37 17.96
N THR E 7 -19.92 11.82 17.21
CA THR E 7 -20.13 10.58 16.50
C THR E 7 -19.16 9.54 17.05
N GLU E 8 -19.32 8.30 16.58
CA GLU E 8 -18.53 7.17 17.03
C GLU E 8 -17.82 6.54 15.84
N LEU E 9 -16.51 6.37 15.97
CA LEU E 9 -15.70 5.69 14.98
C LEU E 9 -15.43 4.29 15.48
N ASP E 10 -15.62 3.30 14.61
CA ASP E 10 -15.24 1.92 14.92
C ASP E 10 -13.83 1.73 14.40
N VAL E 11 -12.85 1.67 15.31
CA VAL E 11 -11.44 1.57 14.97
C VAL E 11 -10.98 0.16 15.28
N ASP E 12 -11.00 -0.71 14.27
CA ASP E 12 -10.59 -2.11 14.42
C ASP E 12 -11.18 -2.73 15.67
N GLY E 13 -12.52 -2.64 15.78
CA GLY E 13 -13.25 -3.24 16.86
C GLY E 13 -13.46 -2.38 18.10
N VAL E 14 -12.81 -1.22 18.21
CA VAL E 14 -12.91 -0.38 19.41
C VAL E 14 -13.64 0.91 19.08
N LYS E 15 -14.61 1.29 19.92
CA LYS E 15 -15.42 2.48 19.66
C LYS E 15 -14.77 3.73 20.24
N VAL E 16 -14.58 4.74 19.41
CA VAL E 16 -13.85 5.94 19.78
C VAL E 16 -14.75 7.15 19.53
N ARG E 17 -15.00 7.93 20.59
CA ARG E 17 -15.76 9.16 20.45
C ARG E 17 -15.00 10.19 19.60
N PHE E 18 -15.74 10.89 18.73
CA PHE E 18 -15.13 11.83 17.78
C PHE E 18 -16.03 13.06 17.67
N THR E 19 -15.43 14.25 17.81
CA THR E 19 -16.16 15.52 17.75
C THR E 19 -15.42 16.49 16.84
N ASN E 20 -16.16 17.51 16.36
CA ASN E 20 -15.58 18.69 15.71
C ASN E 20 -14.79 18.37 14.45
N PRO E 21 -15.34 17.60 13.52
CA PRO E 21 -14.57 17.27 12.30
C PRO E 21 -14.22 18.47 11.45
N ASP E 22 -14.99 19.54 11.50
CA ASP E 22 -14.76 20.69 10.61
C ASP E 22 -13.98 21.82 11.27
N LYS E 23 -13.57 21.65 12.53
CA LYS E 23 -12.76 22.67 13.16
C LYS E 23 -11.40 22.74 12.47
N VAL E 24 -10.97 23.94 12.13
CA VAL E 24 -9.74 24.15 11.39
C VAL E 24 -8.56 24.04 12.35
N TYR E 25 -7.62 23.14 12.05
CA TYR E 25 -6.36 23.02 12.77
C TYR E 25 -5.19 23.71 12.05
N PHE E 26 -5.18 23.66 10.72
CA PHE E 26 -4.10 24.21 9.89
C PHE E 26 -4.74 25.28 9.02
N PRO E 27 -4.74 26.55 9.46
CA PRO E 27 -5.45 27.59 8.69
C PRO E 27 -5.04 27.67 7.24
N LYS E 28 -3.74 27.55 6.95
CA LYS E 28 -3.27 27.69 5.57
C LYS E 28 -3.89 26.65 4.65
N LEU E 29 -4.32 25.50 5.17
CA LEU E 29 -4.91 24.47 4.33
C LEU E 29 -6.43 24.58 4.21
N GLY E 30 -7.05 25.52 4.92
CA GLY E 30 -8.48 25.67 4.78
C GLY E 30 -9.19 24.37 5.04
N LYS E 31 -10.11 23.99 4.14
CA LYS E 31 -10.91 22.81 4.37
C LYS E 31 -10.07 21.53 4.38
N ASN E 32 -8.84 21.58 3.88
CA ASN E 32 -7.98 20.41 3.92
C ASN E 32 -7.12 20.37 5.17
N GLY E 33 -7.35 21.28 6.12
CA GLY E 33 -6.60 21.33 7.35
C GLY E 33 -7.45 21.24 8.61
N THR E 34 -8.62 20.60 8.50
CA THR E 34 -9.54 20.45 9.62
C THR E 34 -9.12 19.28 10.51
N LYS E 35 -9.64 19.30 11.74
CA LYS E 35 -9.46 18.16 12.63
C LYS E 35 -9.91 16.85 11.97
N GLY E 36 -10.99 16.90 11.20
CA GLY E 36 -11.45 15.70 10.49
C GLY E 36 -10.43 15.19 9.48
N LYS E 37 -9.74 16.11 8.78
CA LYS E 37 -8.68 15.70 7.88
C LYS E 37 -7.54 15.02 8.64
N LEU E 38 -7.21 15.54 9.82
CA LEU E 38 -6.14 14.95 10.63
C LEU E 38 -6.51 13.54 11.09
N VAL E 39 -7.74 13.37 11.59
CA VAL E 39 -8.19 12.04 12.03
C VAL E 39 -8.24 11.11 10.84
N GLU E 40 -8.65 11.61 9.68
CA GLU E 40 -8.72 10.77 8.49
C GLU E 40 -7.33 10.28 8.09
N TYR E 41 -6.33 11.17 8.14
CA TYR E 41 -4.96 10.74 7.91
C TYR E 41 -4.55 9.64 8.88
N TYR E 42 -4.78 9.87 10.19
CA TYR E 42 -4.34 8.90 11.19
C TYR E 42 -5.06 7.57 11.04
N LEU E 43 -6.35 7.59 10.72
CA LEU E 43 -7.07 6.35 10.47
C LEU E 43 -6.45 5.61 9.30
N SER E 44 -5.92 6.36 8.34
CA SER E 44 -5.28 5.71 7.19
C SER E 44 -3.97 5.03 7.58
N VAL E 45 -3.22 5.56 8.55
CA VAL E 45 -1.92 4.97 8.86
C VAL E 45 -1.87 4.21 10.19
N ALA E 46 -2.86 4.37 11.07
CA ALA E 46 -2.72 3.90 12.46
C ALA E 46 -2.79 2.38 12.62
N SER E 47 -3.37 1.64 11.68
CA SER E 47 -3.40 0.18 11.82
C SER E 47 -2.18 -0.51 11.25
N GLY E 48 -1.42 0.15 10.38
CA GLY E 48 -0.32 -0.49 9.68
C GLY E 48 1.06 -0.02 10.11
N PRO E 49 1.75 0.71 9.23
CA PRO E 49 3.17 0.99 9.51
C PRO E 49 3.40 1.87 10.76
N MET E 50 2.49 2.81 11.03
CA MET E 50 2.69 3.66 12.21
C MET E 50 2.59 2.85 13.50
N LEU E 51 1.58 1.98 13.58
CA LEU E 51 1.40 1.14 14.77
C LEU E 51 2.60 0.23 14.97
N ALA E 52 3.07 -0.41 13.90
CA ALA E 52 4.22 -1.29 14.01
C ALA E 52 5.40 -0.55 14.63
N LEU E 53 5.59 0.72 14.25
CA LEU E 53 6.74 1.42 14.82
C LEU E 53 6.50 1.93 16.24
N LEU E 54 5.22 2.15 16.62
CA LEU E 54 4.90 2.64 17.97
C LEU E 54 4.57 1.52 18.95
N ARG E 55 4.53 0.27 18.49
CA ARG E 55 3.88 -0.78 19.25
C ARG E 55 4.56 -0.95 20.60
N ASP E 56 3.76 -0.95 21.67
CA ASP E 56 4.21 -1.14 23.04
C ASP E 56 5.05 0.02 23.56
N ARG E 57 5.10 1.15 22.84
CA ARG E 57 5.91 2.25 23.37
C ARG E 57 5.07 3.23 24.16
N PRO E 58 5.62 3.76 25.26
CA PRO E 58 4.99 4.90 25.92
C PRO E 58 5.22 6.16 25.13
N VAL E 59 4.19 7.00 25.07
CA VAL E 59 4.24 8.23 24.27
C VAL E 59 3.80 9.42 25.11
N HIS E 60 4.32 10.59 24.73
CA HIS E 60 3.77 11.87 25.14
C HIS E 60 2.99 12.47 23.96
N LEU E 61 2.04 13.35 24.27
CA LEU E 61 1.16 13.90 23.25
C LEU E 61 1.34 15.41 23.17
N GLN E 62 1.52 15.93 21.96
CA GLN E 62 1.60 17.37 21.71
C GLN E 62 0.28 17.76 21.05
N ARG E 63 -0.55 18.50 21.80
CA ARG E 63 -1.96 18.72 21.51
C ARG E 63 -2.21 20.19 21.17
N PHE E 64 -3.06 20.43 20.17
CA PHE E 64 -3.48 21.78 19.80
C PHE E 64 -4.99 21.78 19.63
N PRO E 65 -5.73 21.75 20.74
CA PRO E 65 -7.20 21.58 20.63
C PRO E 65 -7.88 22.71 19.85
N ASP E 66 -7.25 23.89 19.77
CA ASP E 66 -7.77 25.00 18.98
C ASP E 66 -6.91 25.27 17.75
N GLY E 67 -6.27 24.25 17.20
CA GLY E 67 -5.45 24.40 16.02
C GLY E 67 -4.04 24.88 16.35
N ILE E 68 -3.16 24.75 15.34
CA ILE E 68 -1.74 24.96 15.55
C ILE E 68 -1.36 26.41 15.84
N GLU E 69 -2.27 27.37 15.65
CA GLU E 69 -2.01 28.74 16.06
C GLU E 69 -2.59 29.07 17.43
N GLY E 70 -3.13 28.08 18.14
CA GLY E 70 -3.67 28.28 19.46
C GLY E 70 -2.81 27.63 20.53
N GLU E 71 -3.41 27.46 21.70
CA GLU E 71 -2.67 26.94 22.85
C GLU E 71 -2.08 25.58 22.56
N GLU E 72 -0.86 25.37 23.03
CA GLU E 72 -0.18 24.10 22.90
C GLU E 72 -0.17 23.42 24.26
N ILE E 73 -0.57 22.16 24.29
CA ILE E 73 -0.63 21.36 25.52
C ILE E 73 0.26 20.16 25.30
N TYR E 74 1.40 20.13 25.99
CA TYR E 74 2.31 19.00 25.94
C TYR E 74 2.01 18.14 27.15
N GLN E 75 1.61 16.91 26.92
CA GLN E 75 0.99 16.06 27.91
C GLN E 75 1.78 14.77 28.06
N LYS E 76 2.31 14.53 29.26
CA LYS E 76 3.03 13.30 29.56
C LYS E 76 2.19 12.28 30.30
N ARG E 77 1.45 12.71 31.31
CA ARG E 77 0.62 11.80 32.08
C ARG E 77 -0.70 11.55 31.37
N VAL E 78 -1.24 10.36 31.55
CA VAL E 78 -2.55 10.07 30.98
C VAL E 78 -3.60 10.64 31.92
N PRO E 79 -4.69 11.20 31.39
CA PRO E 79 -5.73 11.76 32.27
C PRO E 79 -6.25 10.71 33.23
N GLN E 80 -6.57 11.16 34.44
CA GLN E 80 -7.11 10.30 35.48
C GLN E 80 -8.30 9.51 34.96
N LYS E 81 -9.24 10.20 34.34
CA LYS E 81 -10.41 9.58 33.73
C LYS E 81 -10.16 9.45 32.23
N HIS E 82 -10.28 8.24 31.71
CA HIS E 82 -9.99 8.00 30.31
C HIS E 82 -10.74 6.74 29.89
N PRO E 83 -10.94 6.54 28.59
CA PRO E 83 -11.66 5.36 28.15
C PRO E 83 -10.95 4.07 28.55
N ASP E 84 -11.77 3.05 28.82
CA ASP E 84 -11.32 1.71 29.20
C ASP E 84 -10.34 1.10 28.21
N TYR E 85 -10.47 1.42 26.93
CA TYR E 85 -9.61 0.77 25.96
C TYR E 85 -8.19 1.37 25.90
N LEU E 86 -7.87 2.40 26.68
CA LEU E 86 -6.50 2.94 26.67
C LEU E 86 -5.63 2.17 27.66
N GLU E 87 -4.42 1.89 27.25
CA GLU E 87 -3.50 1.16 28.10
C GLU E 87 -2.32 2.06 28.45
N THR E 88 -1.68 1.77 29.59
CA THR E 88 -0.58 2.59 30.06
C THR E 88 0.59 1.73 30.51
N CYS E 89 1.72 2.39 30.76
CA CYS E 89 2.83 1.70 31.39
C CYS E 89 3.69 2.73 32.08
N VAL E 90 4.51 2.27 33.02
CA VAL E 90 5.20 3.13 33.95
C VAL E 90 6.56 3.49 33.36
N VAL E 91 6.84 4.78 33.23
CA VAL E 91 8.14 5.29 32.81
C VAL E 91 8.76 6.00 34.00
N THR E 92 10.09 6.14 33.97
CA THR E 92 10.85 6.82 35.01
C THR E 92 11.55 8.03 34.42
N PHE E 93 11.30 9.20 35.00
CA PHE E 93 11.91 10.43 34.55
C PHE E 93 13.33 10.58 35.11
N PRO E 94 14.12 11.50 34.54
CA PRO E 94 15.50 11.70 35.04
C PRO E 94 15.60 11.92 36.54
N SER E 95 14.62 12.56 37.19
CA SER E 95 14.70 12.75 38.63
C SER E 95 14.48 11.46 39.43
N GLY E 96 13.99 10.40 38.80
CA GLY E 96 13.55 9.22 39.51
C GLY E 96 12.05 9.13 39.71
N ARG E 97 11.34 10.26 39.54
CA ARG E 97 9.88 10.24 39.56
C ARG E 97 9.34 9.29 38.49
N THR E 98 8.21 8.65 38.78
CA THR E 98 7.58 7.74 37.84
C THR E 98 6.21 8.25 37.42
N ALA E 99 5.75 7.77 36.26
CA ALA E 99 4.44 8.16 35.78
C ALA E 99 3.86 7.06 34.88
N ASP E 100 2.53 7.05 34.81
CA ASP E 100 1.79 6.21 33.84
C ASP E 100 1.69 6.98 32.52
N ALA E 101 2.26 6.43 31.47
CA ALA E 101 2.18 7.05 30.17
C ALA E 101 1.28 6.22 29.29
N LEU E 102 0.61 6.89 28.35
CA LEU E 102 -0.13 6.20 27.31
C LEU E 102 0.79 5.25 26.55
N LYS E 103 0.37 4.00 26.42
CA LYS E 103 1.12 2.99 25.69
C LYS E 103 0.37 2.68 24.41
N ILE E 104 1.05 2.76 23.27
CA ILE E 104 0.36 2.51 22.01
C ILE E 104 0.32 1.00 21.76
N THR E 105 -0.89 0.41 21.78
CA THR E 105 -1.06 -1.02 21.55
C THR E 105 -2.00 -1.37 20.41
N HIS E 106 -2.70 -0.41 19.83
CA HIS E 106 -3.86 -0.65 18.98
C HIS E 106 -4.21 0.67 18.31
N PRO E 107 -4.71 0.67 17.07
CA PRO E 107 -4.99 1.95 16.40
C PRO E 107 -5.91 2.88 17.20
N SER E 108 -6.79 2.31 18.04
CA SER E 108 -7.71 3.14 18.79
C SER E 108 -6.99 4.14 19.69
N SER E 109 -5.78 3.82 20.16
CA SER E 109 -5.11 4.77 21.04
C SER E 109 -4.58 5.96 20.26
N ILE E 110 -4.12 5.74 19.02
CA ILE E 110 -3.73 6.85 18.15
C ILE E 110 -4.94 7.69 17.78
N ILE E 111 -6.06 7.05 17.47
CA ILE E 111 -7.24 7.83 17.09
C ILE E 111 -7.78 8.60 18.29
N TRP E 112 -7.78 7.99 19.48
CA TRP E 112 -8.16 8.75 20.66
C TRP E 112 -7.24 9.95 20.85
N ALA E 113 -5.93 9.75 20.67
CA ALA E 113 -5.00 10.88 20.80
C ALA E 113 -5.38 11.99 19.83
N ALA E 114 -5.72 11.63 18.59
CA ALA E 114 -6.13 12.63 17.61
C ALA E 114 -7.43 13.33 18.02
N GLN E 115 -8.40 12.57 18.52
CA GLN E 115 -9.64 13.19 18.98
C GLN E 115 -9.36 14.21 20.07
N MET E 116 -8.33 13.97 20.89
CA MET E 116 -7.98 14.91 21.94
C MET E 116 -7.18 16.11 21.42
N GLY E 117 -7.03 16.22 20.11
CA GLY E 117 -6.26 17.30 19.52
C GLY E 117 -4.78 17.04 19.36
N THR E 118 -4.33 15.79 19.53
CA THR E 118 -2.92 15.50 19.35
C THR E 118 -2.53 15.70 17.90
N VAL E 119 -1.64 16.65 17.64
CA VAL E 119 -1.02 16.68 16.34
C VAL E 119 0.19 15.76 16.30
N THR E 120 1.04 15.77 17.33
CA THR E 120 2.28 15.01 17.23
C THR E 120 2.40 14.06 18.41
N LEU E 121 2.72 12.79 18.13
CA LEU E 121 3.02 11.81 19.17
C LEU E 121 4.53 11.69 19.36
N HIS E 122 4.97 11.56 20.61
CA HIS E 122 6.38 11.57 20.98
C HIS E 122 6.73 10.29 21.74
N PRO E 123 7.17 9.24 21.05
CA PRO E 123 7.43 7.97 21.75
C PRO E 123 8.77 7.97 22.46
N TRP E 124 8.80 7.32 23.63
CA TRP E 124 10.06 6.98 24.24
C TRP E 124 10.81 5.97 23.37
N GLN E 125 12.10 5.85 23.64
CA GLN E 125 12.96 4.91 22.93
C GLN E 125 13.02 3.54 23.59
N VAL E 126 11.97 3.16 24.35
CA VAL E 126 11.89 1.87 25.03
C VAL E 126 10.57 1.21 24.67
N ARG E 127 10.46 -0.09 24.96
CA ARG E 127 9.19 -0.80 24.93
C ARG E 127 8.76 -1.13 26.35
N CYS E 128 7.49 -0.93 26.65
CA CYS E 128 6.96 -1.38 27.92
C CYS E 128 7.08 -2.90 28.01
N PRO E 129 7.31 -3.46 29.21
CA PRO E 129 7.48 -2.72 30.48
C PRO E 129 8.93 -2.50 30.86
N ASP E 130 9.85 -2.92 29.99
CA ASP E 130 11.29 -2.80 30.24
C ASP E 130 11.72 -1.37 29.85
N THR E 131 11.26 -0.41 30.66
CA THR E 131 11.44 0.99 30.30
C THR E 131 12.76 1.59 30.82
N GLU E 132 13.65 0.78 31.39
CA GLU E 132 15.01 1.22 31.69
C GLU E 132 16.00 0.93 30.57
N HIS E 133 15.63 0.15 29.55
CA HIS E 133 16.58 -0.29 28.52
C HIS E 133 16.10 0.05 27.12
N PRO E 134 16.66 1.09 26.50
CA PRO E 134 16.28 1.42 25.11
C PRO E 134 16.50 0.24 24.16
N ASP E 135 15.58 0.10 23.19
CA ASP E 135 15.80 -0.76 22.03
C ASP E 135 16.04 0.08 20.78
N GLU E 136 16.37 1.36 20.96
CA GLU E 136 16.47 2.29 19.84
C GLU E 136 17.55 3.29 20.17
N LEU E 137 18.55 3.40 19.31
CA LEU E 137 19.51 4.50 19.36
C LEU E 137 19.11 5.50 18.29
N ARG E 138 19.08 6.78 18.65
CA ARG E 138 18.57 7.83 17.79
C ARG E 138 19.70 8.78 17.38
N VAL E 139 19.77 9.11 16.10
CA VAL E 139 20.66 10.17 15.60
C VAL E 139 19.76 11.28 15.07
N ASP E 140 19.91 12.46 15.61
CA ASP E 140 19.11 13.62 15.26
C ASP E 140 20.00 14.63 14.54
N LEU E 141 19.83 14.77 13.22
CA LEU E 141 20.59 15.73 12.43
C LEU E 141 19.78 17.02 12.30
N ASP E 142 20.26 18.06 12.99
CA ASP E 142 19.54 19.30 13.26
C ASP E 142 20.24 20.47 12.57
N PRO E 143 19.77 20.94 11.41
CA PRO E 143 20.45 22.07 10.77
C PRO E 143 20.39 23.31 11.65
N GLN E 144 21.54 23.94 11.86
CA GLN E 144 21.53 25.22 12.54
C GLN E 144 21.31 26.34 11.53
N PRO E 145 20.99 27.55 11.99
CA PRO E 145 20.79 28.67 11.06
C PRO E 145 21.95 28.79 10.08
N GLY E 146 21.61 29.03 8.81
CA GLY E 146 22.56 28.94 7.73
C GLY E 146 22.61 27.60 7.03
N THR E 147 21.95 26.59 7.57
CA THR E 147 21.86 25.29 6.92
C THR E 147 20.41 24.85 6.97
N GLY E 148 20.11 23.78 6.27
CA GLY E 148 18.75 23.32 6.17
C GLY E 148 18.69 21.84 5.85
N PHE E 149 17.53 21.40 5.34
CA PHE E 149 17.36 19.97 5.07
C PHE E 149 18.42 19.45 4.09
N LYS E 150 18.85 20.26 3.11
CA LYS E 150 19.84 19.76 2.16
C LYS E 150 21.12 19.33 2.87
N GLU E 151 21.60 20.15 3.82
CA GLU E 151 22.77 19.78 4.61
C GLU E 151 22.52 18.51 5.42
N ALA E 152 21.31 18.34 5.99
CA ALA E 152 21.03 17.15 6.79
C ALA E 152 21.03 15.90 5.93
N ARG E 153 20.38 15.94 4.77
CA ARG E 153 20.33 14.74 3.92
C ARG E 153 21.71 14.41 3.38
N THR E 154 22.50 15.45 3.06
CA THR E 154 23.87 15.25 2.58
C THR E 154 24.73 14.56 3.63
N VAL E 155 24.73 15.07 4.86
CA VAL E 155 25.54 14.44 5.91
C VAL E 155 25.05 13.03 6.20
N ALA E 156 23.73 12.84 6.24
CA ALA E 156 23.20 11.51 6.54
C ALA E 156 23.64 10.50 5.49
N CYS E 157 23.46 10.82 4.20
CA CYS E 157 23.77 9.86 3.15
C CYS E 157 25.27 9.75 2.88
N ASP E 158 26.02 10.86 2.90
CA ASP E 158 27.41 10.81 2.44
C ASP E 158 28.37 10.43 3.56
N VAL E 159 28.01 10.66 4.82
CA VAL E 159 28.94 10.47 5.93
C VAL E 159 28.43 9.42 6.90
N LEU E 160 27.22 9.61 7.43
CA LEU E 160 26.68 8.68 8.42
C LEU E 160 26.44 7.29 7.81
N LYS E 161 25.79 7.21 6.66
CA LYS E 161 25.46 5.88 6.13
C LYS E 161 26.71 5.04 5.81
N PRO E 162 27.72 5.56 5.13
CA PRO E 162 28.95 4.75 4.95
C PRO E 162 29.62 4.33 6.24
N LEU E 163 29.56 5.19 7.28
CA LEU E 163 30.11 4.84 8.57
C LEU E 163 29.35 3.68 9.20
N LEU E 164 28.02 3.73 9.16
CA LEU E 164 27.24 2.59 9.65
C LEU E 164 27.61 1.34 8.88
N ASP E 165 27.80 1.46 7.54
CA ASP E 165 28.23 0.28 6.76
C ASP E 165 29.52 -0.29 7.33
N GLU E 166 30.50 0.57 7.63
CA GLU E 166 31.78 0.08 8.15
C GLU E 166 31.59 -0.69 9.44
N LEU E 167 30.69 -0.22 10.30
CA LEU E 167 30.43 -0.80 11.61
C LEU E 167 29.55 -2.02 11.55
N GLY E 168 29.05 -2.39 10.37
CA GLY E 168 28.13 -3.51 10.31
C GLY E 168 26.79 -3.20 10.93
N LEU E 169 26.43 -1.92 11.05
CA LEU E 169 25.15 -1.53 11.63
C LEU E 169 24.18 -1.09 10.52
N VAL E 170 22.88 -1.27 10.78
CA VAL E 170 21.82 -0.85 9.86
C VAL E 170 21.01 0.26 10.53
N GLY E 171 20.79 1.35 9.81
CA GLY E 171 20.03 2.47 10.31
C GLY E 171 18.87 2.79 9.39
N TYR E 172 17.82 3.40 9.94
CA TYR E 172 16.62 3.68 9.18
C TYR E 172 16.31 5.16 9.27
N PRO E 173 16.24 5.88 8.14
CA PRO E 173 16.08 7.34 8.19
C PRO E 173 14.66 7.83 7.96
N LYS E 174 14.28 8.94 8.59
CA LYS E 174 13.03 9.59 8.28
C LYS E 174 13.26 11.08 8.26
N THR E 175 12.43 11.80 7.48
CA THR E 175 12.41 13.25 7.70
C THR E 175 11.80 13.52 9.08
N SER E 176 12.25 14.58 9.73
CA SER E 176 11.56 14.94 10.96
C SER E 176 10.22 15.58 10.65
N GLY E 177 10.07 16.10 9.44
CA GLY E 177 8.97 16.97 9.09
C GLY E 177 9.25 18.43 9.34
N GLY E 178 10.36 18.75 10.00
CA GLY E 178 10.84 20.12 10.07
C GLY E 178 11.96 20.28 9.08
N ARG E 179 13.12 20.78 9.53
CA ARG E 179 14.24 20.95 8.62
C ARG E 179 15.25 19.81 8.70
N GLY E 180 15.09 18.86 9.60
CA GLY E 180 16.14 17.89 9.80
C GLY E 180 15.84 16.44 9.49
N VAL E 181 16.74 15.54 9.90
CA VAL E 181 16.65 14.12 9.58
C VAL E 181 16.85 13.33 10.86
N HIS E 182 16.05 12.28 11.05
CA HIS E 182 16.22 11.33 12.14
C HIS E 182 16.70 10.00 11.58
N VAL E 183 17.63 9.34 12.29
CA VAL E 183 18.08 7.99 11.92
C VAL E 183 17.97 7.11 13.15
N PHE E 184 17.29 5.96 13.03
CA PHE E 184 17.12 5.03 14.13
C PHE E 184 17.96 3.78 13.92
N LEU E 185 18.56 3.28 14.99
CA LEU E 185 19.19 1.95 15.00
C LEU E 185 18.42 1.09 16.00
N ARG E 186 17.92 -0.06 15.55
CA ARG E 186 17.30 -1.02 16.46
C ARG E 186 18.39 -1.83 17.15
N ILE E 187 18.33 -1.88 18.48
CA ILE E 187 19.35 -2.58 19.25
C ILE E 187 18.67 -3.51 20.23
N LYS E 188 19.38 -4.58 20.58
CA LYS E 188 18.99 -5.40 21.73
C LYS E 188 18.83 -4.50 22.93
N PRO E 189 17.79 -4.71 23.79
CA PRO E 189 17.58 -3.89 24.99
C PRO E 189 18.55 -4.27 26.13
N GLN E 190 19.82 -4.34 25.81
CA GLN E 190 20.79 -4.80 26.79
C GLN E 190 21.50 -3.65 27.51
N TRP E 191 21.33 -2.40 27.05
CA TRP E 191 22.03 -1.25 27.61
C TRP E 191 21.04 -0.23 28.19
N ASP E 192 21.49 0.52 29.20
CA ASP E 192 20.60 1.47 29.84
C ASP E 192 20.72 2.84 29.15
N PHE E 193 20.01 3.85 29.66
CA PHE E 193 20.03 5.14 28.97
C PHE E 193 21.43 5.75 28.96
N ILE E 194 22.18 5.61 30.06
CA ILE E 194 23.51 6.23 30.11
C ILE E 194 24.36 5.65 28.99
N GLU E 195 24.35 4.31 28.89
CA GLU E 195 25.21 3.64 27.93
C GLU E 195 24.78 3.94 26.50
N VAL E 196 23.48 3.89 26.21
CA VAL E 196 23.04 4.16 24.84
C VAL E 196 23.42 5.59 24.45
N ARG E 197 23.26 6.54 25.38
CA ARG E 197 23.61 7.91 25.06
C ARG E 197 25.12 8.05 24.80
N ARG E 198 25.96 7.35 25.57
CA ARG E 198 27.40 7.39 25.31
C ARG E 198 27.73 6.81 23.94
N ALA E 199 27.08 5.70 23.57
CA ALA E 199 27.28 5.18 22.22
C ALA E 199 26.92 6.25 21.18
N GLY E 200 25.80 6.96 21.41
CA GLY E 200 25.38 7.97 20.45
C GLY E 200 26.35 9.13 20.38
N ILE E 201 26.97 9.49 21.50
CA ILE E 201 27.98 10.54 21.49
C ILE E 201 29.17 10.11 20.66
N ALA E 202 29.65 8.88 20.86
CA ALA E 202 30.78 8.44 20.04
C ALA E 202 30.42 8.39 18.54
N LEU E 203 29.20 7.94 18.21
CA LEU E 203 28.79 7.96 16.80
C LEU E 203 28.79 9.39 16.26
N ALA E 204 28.24 10.33 17.03
CA ALA E 204 28.18 11.70 16.57
C ALA E 204 29.57 12.26 16.36
N ARG E 205 30.50 11.96 17.28
CA ARG E 205 31.86 12.49 17.17
C ARG E 205 32.58 11.91 15.97
N GLU E 206 32.32 10.64 15.63
CA GLU E 206 32.97 10.07 14.46
C GLU E 206 32.44 10.72 13.18
N VAL E 207 31.13 10.91 13.08
CA VAL E 207 30.59 11.67 11.95
C VAL E 207 31.26 13.06 11.90
N GLU E 208 31.32 13.73 13.05
CA GLU E 208 31.88 15.09 13.08
C GLU E 208 33.32 15.13 12.59
N ARG E 209 34.19 14.28 13.13
CA ARG E 209 35.59 14.36 12.71
C ARG E 209 35.76 13.91 11.28
N ARG E 210 34.80 13.19 10.71
CA ARG E 210 34.85 12.89 9.28
C ARG E 210 34.40 14.07 8.41
N ALA E 211 33.63 15.01 8.96
CA ALA E 211 33.18 16.18 8.19
C ALA E 211 33.10 17.40 9.10
N PRO E 212 34.23 17.86 9.64
CA PRO E 212 34.20 18.92 10.68
C PRO E 212 33.72 20.28 10.19
N ASP E 213 33.80 20.58 8.89
CA ASP E 213 33.27 21.84 8.39
C ASP E 213 31.75 21.81 8.24
N ALA E 214 31.16 20.62 8.21
CA ALA E 214 29.73 20.49 8.00
C ALA E 214 28.98 20.07 9.25
N VAL E 215 29.67 19.60 10.28
CA VAL E 215 29.03 18.91 11.40
C VAL E 215 29.61 19.43 12.70
N THR E 216 28.75 19.57 13.71
CA THR E 216 29.19 19.99 15.04
C THR E 216 28.43 19.21 16.11
N THR E 217 29.12 18.95 17.22
CA THR E 217 28.48 18.42 18.42
C THR E 217 28.49 19.44 19.54
N SER E 218 28.90 20.69 19.27
CA SER E 218 29.06 21.68 20.35
C SER E 218 27.75 21.98 21.05
N TRP E 219 27.75 21.77 22.36
CA TRP E 219 26.58 22.07 23.17
C TRP E 219 26.23 23.56 23.09
N TRP E 220 27.23 24.43 23.01
CA TRP E 220 26.99 25.87 22.98
C TRP E 220 26.61 26.33 21.57
N LYS E 221 25.50 27.06 21.46
CA LYS E 221 25.02 27.46 20.15
C LYS E 221 26.01 28.38 19.44
N GLU E 222 26.65 29.28 20.18
CA GLU E 222 27.56 30.22 19.53
C GLU E 222 28.78 29.53 18.95
N GLU E 223 29.08 28.31 19.39
CA GLU E 223 30.23 27.57 18.91
C GLU E 223 29.92 26.66 17.73
N ARG E 224 28.65 26.53 17.34
CA ARG E 224 28.25 25.57 16.32
C ARG E 224 28.53 26.09 14.92
N GLY E 225 28.27 27.38 14.67
CA GLY E 225 28.38 27.97 13.36
C GLY E 225 27.33 27.44 12.39
N GLU E 226 27.58 27.65 11.11
CA GLU E 226 26.64 27.20 10.08
C GLU E 226 26.94 25.74 9.74
N ARG E 227 26.59 24.89 10.70
CA ARG E 227 26.87 23.47 10.60
C ARG E 227 25.64 22.71 11.05
N LEU E 228 25.63 21.44 10.69
CA LEU E 228 24.60 20.51 11.13
C LEU E 228 24.96 20.04 12.52
N PHE E 229 24.06 20.22 13.48
CA PHE E 229 24.28 19.77 14.85
C PHE E 229 23.72 18.37 15.01
N ILE E 230 24.53 17.46 15.54
CA ILE E 230 24.05 16.13 15.88
C ILE E 230 23.66 16.18 17.35
N ASP E 231 22.36 16.18 17.62
CA ASP E 231 21.86 16.43 18.97
C ASP E 231 21.91 15.11 19.76
N TYR E 232 23.09 14.83 20.30
CA TYR E 232 23.32 13.59 21.03
C TYR E 232 22.46 13.48 22.27
N ASN E 233 22.00 14.61 22.82
CA ASN E 233 21.17 14.50 24.02
C ASN E 233 19.79 13.92 23.71
N GLN E 234 19.48 13.71 22.44
CA GLN E 234 18.22 13.04 22.14
C GLN E 234 18.20 11.59 22.61
N ASN E 235 19.33 11.05 23.06
CA ASN E 235 19.29 9.69 23.62
C ASN E 235 19.17 9.68 25.15
N ALA E 236 18.94 10.83 25.77
CA ALA E 236 18.64 10.92 27.19
C ALA E 236 17.19 10.52 27.46
N ARG E 237 16.87 10.30 28.73
CA ARG E 237 15.48 10.12 29.14
C ARG E 237 14.63 11.36 28.87
N ASP E 238 13.38 11.12 28.51
CA ASP E 238 12.37 12.19 28.47
C ASP E 238 12.76 13.36 27.55
N ARG E 239 13.17 13.03 26.32
CA ARG E 239 13.44 14.01 25.26
C ARG E 239 12.41 13.96 24.12
N THR E 240 11.86 15.13 23.78
CA THR E 240 10.87 15.20 22.71
C THR E 240 11.45 14.69 21.40
N PHE E 241 10.67 13.87 20.70
CA PHE E 241 11.07 13.27 19.42
C PHE E 241 9.82 12.83 18.65
N ALA E 242 9.50 13.46 17.53
CA ALA E 242 8.31 13.07 16.76
C ALA E 242 8.36 11.63 16.26
N SER E 243 7.25 10.90 16.42
CA SER E 243 7.23 9.53 15.92
C SER E 243 7.24 9.53 14.39
N ALA E 244 7.69 8.42 13.83
CA ALA E 244 7.37 8.08 12.45
C ALA E 244 5.88 8.28 12.18
N TYR E 245 5.54 8.91 11.06
CA TYR E 245 4.17 9.15 10.58
C TYR E 245 3.40 10.18 11.41
N SER E 246 4.00 10.78 12.44
CA SER E 246 3.34 11.90 13.11
C SER E 246 3.26 13.11 12.19
N VAL E 247 2.12 13.78 12.21
CA VAL E 247 2.02 15.12 11.67
C VAL E 247 2.81 16.08 12.56
N ARG E 248 3.27 17.19 11.98
CA ARG E 248 4.03 18.20 12.72
C ARG E 248 3.25 19.50 12.75
N LYS E 249 3.57 20.37 13.70
CA LYS E 249 2.93 21.69 13.72
C LYS E 249 3.70 22.59 12.76
N THR E 250 3.47 22.38 11.48
CA THR E 250 3.92 23.21 10.39
C THR E 250 2.68 23.64 9.62
N PRO E 251 2.74 24.75 8.89
CA PRO E 251 1.52 25.28 8.27
C PRO E 251 0.85 24.33 7.28
N ILE E 252 1.62 23.46 6.61
CA ILE E 252 1.05 22.55 5.63
C ILE E 252 0.90 21.13 6.18
N ALA E 253 1.00 20.96 7.50
CA ALA E 253 0.79 19.66 8.15
C ALA E 253 1.75 18.59 7.61
N THR E 254 3.03 18.91 7.63
CA THR E 254 4.02 17.92 7.19
C THR E 254 4.05 16.74 8.14
N VAL E 255 4.51 15.61 7.61
CA VAL E 255 4.58 14.34 8.33
C VAL E 255 6.04 13.90 8.40
N SER E 256 6.42 13.31 9.54
CA SER E 256 7.74 12.70 9.69
C SER E 256 7.71 11.37 8.94
N MET E 257 8.49 11.28 7.87
CA MET E 257 8.29 10.28 6.81
C MET E 257 9.45 9.30 6.75
N PRO E 258 9.24 8.02 7.09
CA PRO E 258 10.30 7.02 6.87
C PRO E 258 10.62 6.92 5.39
N LEU E 259 11.92 6.84 5.08
CA LEU E 259 12.40 6.77 3.71
C LEU E 259 13.47 5.70 3.64
N SER E 260 13.75 5.23 2.42
CA SER E 260 15.00 4.53 2.17
C SER E 260 16.15 5.53 2.08
N TRP E 261 17.39 5.02 2.14
CA TRP E 261 18.54 5.90 1.94
C TRP E 261 18.53 6.53 0.56
N ASP E 262 18.16 5.74 -0.46
CA ASP E 262 18.12 6.26 -1.82
C ASP E 262 17.10 7.38 -1.94
N GLU E 263 15.93 7.23 -1.31
CA GLU E 263 14.95 8.31 -1.32
C GLU E 263 15.46 9.53 -0.56
N LEU E 264 16.10 9.30 0.59
CA LEU E 264 16.55 10.41 1.41
C LEU E 264 17.50 11.31 0.65
N ARG E 265 18.39 10.73 -0.15
CA ARG E 265 19.41 11.52 -0.83
C ARG E 265 18.84 12.72 -1.58
N ASN E 266 17.63 12.59 -2.15
CA ASN E 266 17.05 13.67 -2.94
C ASN E 266 15.70 14.11 -2.41
N ALA E 267 15.43 13.89 -1.11
CA ALA E 267 14.10 14.12 -0.56
C ALA E 267 13.88 15.60 -0.27
N ASP E 268 12.60 15.99 -0.26
CA ASP E 268 12.16 17.31 0.15
C ASP E 268 11.04 17.08 1.17
N PRO E 269 11.21 17.48 2.42
CA PRO E 269 10.21 17.11 3.46
C PRO E 269 8.83 17.67 3.19
N ASP E 270 8.72 18.74 2.40
CA ASP E 270 7.40 19.30 2.12
C ASP E 270 6.58 18.40 1.22
N ASP E 271 7.18 17.37 0.62
CA ASP E 271 6.41 16.41 -0.17
C ASP E 271 5.51 15.53 0.69
N TYR E 272 5.77 15.43 1.99
CA TYR E 272 5.12 14.45 2.86
C TYR E 272 4.25 15.19 3.86
N THR E 273 2.93 15.16 3.65
CA THR E 273 1.98 15.83 4.54
C THR E 273 0.82 14.89 4.82
N MET E 274 -0.02 15.27 5.79
CA MET E 274 -1.15 14.42 6.11
C MET E 274 -2.05 14.21 4.89
N ASN E 275 -1.98 15.10 3.91
CA ASN E 275 -2.79 14.97 2.70
C ASN E 275 -2.16 14.08 1.63
N THR E 276 -0.82 13.97 1.57
CA THR E 276 -0.17 13.20 0.52
C THR E 276 0.33 11.82 0.95
N VAL E 277 0.55 11.60 2.25
CA VAL E 277 1.26 10.39 2.67
C VAL E 277 0.49 9.11 2.34
N PRO E 278 -0.82 8.99 2.57
CA PRO E 278 -1.48 7.72 2.25
C PRO E 278 -1.28 7.28 0.81
N ASP E 279 -1.50 8.18 -0.17
CA ASP E 279 -1.30 7.78 -1.56
C ASP E 279 0.17 7.50 -1.87
N LEU E 280 1.10 8.12 -1.14
CA LEU E 280 2.51 7.78 -1.36
C LEU E 280 2.86 6.40 -0.81
N LEU E 281 2.19 5.96 0.26
CA LEU E 281 2.48 4.63 0.80
C LEU E 281 1.84 3.52 -0.04
N ALA E 282 0.73 3.82 -0.72
CA ALA E 282 0.04 2.79 -1.49
C ALA E 282 0.94 2.25 -2.60
N GLY E 283 1.12 0.93 -2.62
CA GLY E 283 1.95 0.30 -3.63
C GLY E 283 3.43 0.46 -3.45
N ARG E 284 3.89 1.07 -2.37
CA ARG E 284 5.31 1.28 -2.12
C ARG E 284 5.76 0.37 -0.99
N ASP E 285 6.83 -0.40 -1.23
CA ASP E 285 7.45 -1.16 -0.15
C ASP E 285 7.81 -0.25 1.02
N ASP E 286 7.45 -0.69 2.21
CA ASP E 286 7.80 0.02 3.43
C ASP E 286 9.31 0.03 3.61
N PRO E 287 10.01 1.18 3.49
CA PRO E 287 11.48 1.14 3.58
C PRO E 287 11.99 0.70 4.94
N TRP E 288 11.15 0.75 5.96
CA TRP E 288 11.52 0.30 7.29
C TRP E 288 10.92 -1.09 7.61
N ALA E 289 10.51 -1.86 6.60
CA ALA E 289 9.87 -3.15 6.89
C ALA E 289 10.74 -4.05 7.76
N ASP E 290 12.06 -3.98 7.61
CA ASP E 290 12.96 -4.92 8.27
C ASP E 290 13.56 -4.41 9.59
N ILE E 291 13.10 -3.27 10.11
CA ILE E 291 13.82 -2.67 11.23
C ILE E 291 13.88 -3.63 12.42
N ASP E 292 12.83 -4.41 12.66
CA ASP E 292 12.79 -5.28 13.82
C ASP E 292 13.45 -6.63 13.57
N SER E 293 13.92 -6.89 12.35
CA SER E 293 14.45 -8.21 12.02
C SER E 293 15.83 -8.46 12.62
N VAL E 294 16.59 -7.42 12.95
CA VAL E 294 17.95 -7.57 13.46
C VAL E 294 18.08 -6.70 14.71
N GLN E 295 18.21 -7.34 15.87
CA GLN E 295 18.41 -6.72 17.18
C GLN E 295 19.91 -6.52 17.35
N GLN E 296 20.40 -5.32 17.03
CA GLN E 296 21.83 -5.11 16.89
C GLN E 296 22.53 -4.95 18.22
N SER E 297 23.82 -5.33 18.24
CA SER E 297 24.68 -5.08 19.39
C SER E 297 25.23 -3.66 19.32
N LEU E 298 25.33 -3.00 20.48
CA LEU E 298 26.02 -1.72 20.54
C LEU E 298 27.55 -1.86 20.43
N GLY E 299 28.09 -3.09 20.43
CA GLY E 299 29.54 -3.31 20.46
C GLY E 299 30.42 -2.38 19.63
N PRO E 300 30.12 -2.27 18.33
CA PRO E 300 30.97 -1.42 17.47
C PRO E 300 31.03 0.04 17.94
N LEU E 301 29.92 0.56 18.46
CA LEU E 301 29.91 1.92 18.96
C LEU E 301 30.60 2.00 20.31
N LEU E 302 30.48 0.95 21.13
CA LEU E 302 31.21 0.95 22.39
C LEU E 302 32.71 0.94 22.16
N ASP E 303 33.18 0.30 21.10
CA ASP E 303 34.58 0.44 20.74
C ASP E 303 34.91 1.88 20.36
N LEU E 304 34.02 2.55 19.62
CA LEU E 304 34.28 3.99 19.37
C LEU E 304 34.37 4.79 20.68
N VAL E 305 33.50 4.47 21.65
CA VAL E 305 33.53 5.15 22.95
C VAL E 305 34.90 4.96 23.61
N ALA E 306 35.38 3.71 23.65
CA ALA E 306 36.68 3.47 24.28
C ALA E 306 37.80 4.22 23.54
N ALA E 307 37.72 4.28 22.20
CA ALA E 307 38.73 5.05 21.47
C ALA E 307 38.69 6.54 21.83
N ASP E 308 37.48 7.10 21.97
CA ASP E 308 37.36 8.50 22.37
C ASP E 308 37.94 8.72 23.76
N GLU E 309 37.66 7.79 24.70
CA GLU E 309 38.24 7.89 26.03
C GLU E 309 39.75 7.92 25.94
N GLU E 310 40.32 7.10 25.05
CA GLU E 310 41.76 7.11 24.84
C GLU E 310 42.25 8.45 24.30
N ARG E 311 41.43 9.14 23.50
CA ARG E 311 41.82 10.47 23.02
C ARG E 311 41.83 11.53 24.11
N GLY E 312 41.27 11.23 25.28
CA GLY E 312 41.05 12.23 26.31
C GLY E 312 39.67 12.87 26.27
N LEU E 313 38.71 12.24 25.59
CA LEU E 313 37.37 12.76 25.42
C LEU E 313 36.41 11.94 26.27
N GLY E 314 35.70 12.60 27.18
CA GLY E 314 34.72 11.86 27.95
C GLY E 314 33.29 12.26 27.65
N ASP E 315 32.48 12.42 28.69
CA ASP E 315 31.06 12.73 28.57
C ASP E 315 30.86 14.17 28.13
N LEU E 316 29.69 14.45 27.56
CA LEU E 316 29.34 15.80 27.17
C LEU E 316 28.18 16.30 28.02
N PRO E 317 27.93 17.61 28.04
CA PRO E 317 26.87 18.15 28.91
C PRO E 317 25.47 17.64 28.54
N TYR E 318 24.65 17.47 29.56
CA TYR E 318 23.23 17.20 29.36
C TYR E 318 22.51 18.51 29.04
N PRO E 319 21.23 18.45 28.67
CA PRO E 319 20.52 19.68 28.37
C PRO E 319 20.49 20.60 29.59
N PRO E 320 20.35 21.91 29.36
CA PRO E 320 20.37 22.85 30.50
C PRO E 320 19.34 22.54 31.57
N ASN E 321 18.14 22.11 31.20
CA ASN E 321 17.13 21.88 32.23
C ASN E 321 17.23 20.49 32.85
N TYR E 322 18.26 19.73 32.53
CA TYR E 322 18.25 18.29 32.80
C TYR E 322 18.60 18.01 34.26
N PRO E 323 17.82 17.19 34.92
CA PRO E 323 18.10 16.86 36.33
C PRO E 323 19.34 16.01 36.57
N LYS E 324 19.25 15.25 37.65
CA LYS E 324 20.20 14.22 38.06
C LYS E 324 19.42 13.15 38.81
N MET E 325 19.79 11.87 38.61
CA MET E 325 19.12 10.87 39.43
C MET E 325 19.88 10.69 40.75
N PRO E 326 19.20 10.50 41.89
CA PRO E 326 19.93 10.47 43.18
C PRO E 326 21.14 9.54 43.24
N GLY E 327 21.08 8.37 42.59
CA GLY E 327 22.24 7.50 42.57
C GLY E 327 23.09 7.63 41.34
N GLU E 328 22.80 8.59 40.46
CA GLU E 328 23.44 8.71 39.16
C GLU E 328 24.83 9.31 39.29
N PRO E 329 25.62 9.29 38.21
CA PRO E 329 27.00 9.76 38.29
C PRO E 329 27.16 11.19 37.82
N PRO E 330 28.27 11.84 38.22
CA PRO E 330 28.45 13.26 37.90
C PRO E 330 28.36 13.53 36.41
N ARG E 331 27.48 14.45 36.04
CA ARG E 331 27.39 14.91 34.66
C ARG E 331 28.51 15.93 34.43
N VAL E 332 28.96 16.04 33.18
CA VAL E 332 30.03 16.99 32.86
C VAL E 332 29.46 18.39 32.71
N GLN E 333 30.27 19.44 33.13
CA GLN E 333 29.68 20.77 33.09
C GLN E 333 30.02 21.50 31.79
N PRO E 334 29.15 22.41 31.33
CA PRO E 334 29.41 23.25 30.14
C PRO E 334 30.57 24.24 30.29
C1' L2B H 7 12.94 23.20 26.40
C2 L2B H 7 11.25 22.69 28.19
C2' L2B H 7 12.97 21.99 25.46
C3' L2B H 7 13.68 22.47 24.20
C4 L2B H 7 9.21 23.82 28.27
C4' L2B H 7 14.02 23.94 24.45
C5 L2B H 7 9.56 24.55 27.15
C5' L2B H 7 13.66 24.80 23.24
C6 L2B H 7 10.79 24.33 26.53
N1 L2B H 7 11.63 23.42 27.03
N3 L2B H 7 10.06 22.91 28.76
O2 L2B H 7 12.04 21.84 28.66
O2' L2B H 7 13.69 20.91 26.04
O4 L2B H 7 8.11 24.01 28.83
O4' L2B H 7 13.25 24.34 25.59
O5' L2B H 7 12.70 25.80 23.57
OP1 L2B H 7 13.70 27.45 21.89
OP2 L2B H 7 11.61 28.06 23.08
P L2B H 7 12.94 27.36 23.20
MN MN I . -20.58 -14.83 -19.11
MN MN J . -18.98 -15.00 -15.66
N1 U3H K . -18.15 -8.02 -22.22
C6 U3H K . -19.36 -7.63 -21.82
C2 U3H K . -17.84 -8.10 -23.59
O2 U3H K . -16.70 -8.50 -23.95
N3 U3H K . -18.75 -7.75 -24.51
C4 U3H K . -19.97 -7.33 -24.13
O4 U3H K . -20.81 -6.99 -24.99
C5 U3H K . -20.31 -7.26 -22.77
C1' U3H K . -17.11 -8.46 -21.31
C2' U3H K . -16.79 -7.61 -20.11
O2' U3H K . -15.39 -7.81 -19.87
C3' U3H K . -17.61 -8.20 -18.96
C4' U3H K . -17.73 -9.67 -19.37
O4' U3H K . -17.53 -9.74 -20.78
C5' U3H K . -19.08 -10.25 -18.98
O5' U3H K . -19.01 -10.90 -17.71
PA U3H K . -20.24 -11.81 -17.23
O1A U3H K . -19.88 -13.24 -17.37
O2A U3H K . -21.53 -11.46 -18.13
O3A U3H K . -20.57 -11.51 -15.68
PB U3H K . -19.38 -11.34 -14.63
O1B U3H K . -19.06 -9.78 -14.55
O2B U3H K . -18.19 -12.12 -15.06
O3B U3H K . -19.81 -11.80 -13.16
PG U3H K . -20.44 -13.27 -12.93
O1G U3H K . -19.31 -14.25 -12.32
O2G U3H K . -20.96 -13.79 -14.22
O3G U3H K . -21.68 -13.11 -11.88
H6 U3H K . -19.60 -7.58 -20.77
H3 U3H K . -18.51 -7.78 -25.52
H5 U3H K . -21.28 -6.92 -22.48
H1' U3H K . -16.17 -8.60 -21.87
H2'' U3H K . -17.05 -6.56 -20.29
HA U3H K . -14.89 -7.43 -20.60
H3' U3H K . -17.07 -8.09 -18.02
H3'2 U3H K . -18.58 -7.72 -18.90
H4' U3H K . -16.94 -10.23 -18.85
H5'1 U3H K . -19.39 -10.97 -19.74
H5'2 U3H K . -19.83 -9.46 -18.95
S SO4 L . 4.40 -7.98 1.08
O1 SO4 L . 5.40 -7.42 0.20
O2 SO4 L . 5.04 -8.52 2.28
O3 SO4 L . 3.69 -9.06 0.38
O4 SO4 L . 3.44 -6.95 1.47
MG MG M . 1.20 2.35 -19.81
C1 EDO N . -1.51 -23.38 -9.88
O1 EDO N . -2.57 -22.73 -10.58
C2 EDO N . -1.79 -24.90 -9.82
O2 EDO N . -2.42 -25.30 -11.03
H11 EDO N . -0.56 -23.21 -10.40
H12 EDO N . -1.42 -22.98 -8.88
HO1 EDO N . -2.39 -21.77 -10.61
H21 EDO N . -0.85 -25.43 -9.69
H22 EDO N . -2.44 -25.11 -8.97
HO2 EDO N . -2.60 -26.25 -11.00
C1 EDO O . -8.63 21.74 -12.95
O1 EDO O . -9.91 21.44 -13.49
C2 EDO O . -8.77 22.15 -11.49
O2 EDO O . -7.47 22.42 -10.96
H11 EDO O . -7.98 20.87 -13.02
H12 EDO O . -8.17 22.56 -13.51
HO1 EDO O . -9.82 21.18 -14.42
H21 EDO O . -9.39 23.05 -11.42
H22 EDO O . -9.25 21.35 -10.93
HO2 EDO O . -7.55 22.69 -10.03
C1 EDO P . 1.69 14.67 -19.90
O1 EDO P . 2.83 14.14 -20.61
C2 EDO P . 0.79 15.45 -20.86
O2 EDO P . 0.93 14.90 -22.17
H11 EDO P . 1.12 13.84 -19.46
H12 EDO P . 2.03 15.31 -19.10
HO1 EDO P . 3.39 13.65 -19.99
H21 EDO P . -0.25 15.38 -20.53
H22 EDO P . 1.08 16.50 -20.85
HO2 EDO P . 0.37 15.40 -22.78
C1 EDO Q . -14.55 2.39 -39.34
O1 EDO Q . -14.32 1.44 -40.38
C2 EDO Q . -13.23 2.99 -38.87
O2 EDO Q . -13.50 4.05 -37.95
H11 EDO Q . -15.20 3.19 -39.70
H12 EDO Q . -15.05 1.90 -38.50
HO1 EDO Q . -15.17 1.07 -40.68
H21 EDO Q . -12.63 2.22 -38.38
H22 EDO Q . -12.67 3.38 -39.73
HO2 EDO Q . -12.66 4.43 -37.65
C1 EDO R . -23.69 -17.16 -4.03
O1 EDO R . -25.04 -16.96 -4.49
C2 EDO R . -23.66 -18.20 -2.91
O2 EDO R . -23.62 -19.54 -3.41
H11 EDO R . -23.07 -17.50 -4.86
H12 EDO R . -23.28 -16.21 -3.67
HO1 EDO R . -25.06 -16.30 -5.20
H21 EDO R . -22.80 -18.02 -2.26
H22 EDO R . -24.56 -18.08 -2.28
HO2 EDO R . -22.82 -19.65 -3.95
MN MN S . 16.89 18.42 18.06
MN MN T . 15.92 17.74 14.49
O11 PPV U . 11.17 17.81 16.06
P1 PPV U . 12.45 18.35 15.47
O21 PPV U . 13.36 17.20 15.10
O31 PPV U . 13.14 19.23 16.49
OPP PPV U . 12.04 19.21 14.19
P2 PPV U . 13.12 19.95 13.27
O12 PPV U . 12.42 21.07 12.53
O22 PPV U . 14.21 20.52 14.15
O32 PPV U . 13.72 18.96 12.29
S SO4 V . 42.96 11.14 16.28
O1 SO4 V . 44.21 11.53 15.66
O2 SO4 V . 43.26 10.46 17.52
O3 SO4 V . 42.22 10.25 15.39
O4 SO4 V . 42.13 12.32 16.53
C1 EDO W . 19.46 2.14 0.32
O1 EDO W . 18.17 2.56 -0.18
C2 EDO W . 19.39 1.03 1.37
O2 EDO W . 20.72 0.74 1.85
H11 EDO W . 20.07 1.80 -0.52
H12 EDO W . 19.97 3.01 0.76
HO1 EDO W . 18.30 3.26 -0.84
H21 EDO W . 18.75 1.35 2.20
H22 EDO W . 18.95 0.13 0.93
HO2 EDO W . 20.69 0.04 2.51
C1 EDO X . 8.08 8.33 -1.06
O1 EDO X . 7.46 8.41 -2.34
C2 EDO X . 9.50 8.85 -1.18
O2 EDO X . 9.41 10.16 -1.75
H11 EDO X . 7.52 8.92 -0.33
H12 EDO X . 8.09 7.28 -0.72
HO1 EDO X . 6.55 8.09 -2.28
H21 EDO X . 9.98 8.88 -0.20
H22 EDO X . 10.08 8.18 -1.84
HO2 EDO X . 10.31 10.51 -1.84
C1 EDO Y . 15.41 23.57 3.05
O1 EDO Y . 15.74 23.73 4.44
C2 EDO Y . 16.65 23.78 2.21
O2 EDO Y . 17.77 23.08 2.78
H11 EDO Y . 15.01 22.57 2.88
H12 EDO Y . 14.64 24.30 2.76
HO1 EDO Y . 14.94 23.60 4.97
H21 EDO Y . 16.47 23.42 1.19
H22 EDO Y . 16.88 24.85 2.15
HO2 EDO Y . 18.55 23.22 2.24
C1 EDO Z . -20.94 15.78 23.79
O1 EDO Z . -20.39 17.00 23.30
C2 EDO Z . -21.78 15.15 22.69
O2 EDO Z . -21.95 16.13 21.65
H11 EDO Z . -20.15 15.10 24.10
H12 EDO Z . -21.58 15.98 24.67
HO1 EDO Z . -19.86 17.42 23.99
H21 EDO Z . -21.28 14.26 22.30
H22 EDO Z . -22.76 14.85 23.08
HO2 EDO Z . -22.48 15.76 20.94
C1 EDO AA . 8.95 21.60 17.88
O1 EDO AA . 8.59 20.66 18.90
C2 EDO AA . 7.68 22.13 17.24
O2 EDO AA . 6.73 21.06 17.18
H11 EDO AA . 9.53 22.43 18.31
H12 EDO AA . 9.57 21.11 17.12
HO1 EDO AA . 9.40 20.32 19.32
H21 EDO AA . 7.28 22.96 17.82
H22 EDO AA . 7.88 22.48 16.22
HO2 EDO AA . 5.91 21.36 16.78
C1 EDO BA . 7.53 -1.56 10.30
O1 EDO BA . 8.74 -2.30 10.52
C2 EDO BA . 7.82 -0.19 9.69
O2 EDO BA . 6.55 0.47 9.46
H11 EDO BA . 6.88 -2.12 9.63
H12 EDO BA . 7.01 -1.43 11.25
HO1 EDO BA . 8.51 -3.17 10.90
H21 EDO BA . 8.42 0.41 10.38
H22 EDO BA . 8.36 -0.29 8.75
HO2 EDO BA . 6.71 1.35 9.07
#